data_9C48
#
_entry.id   9C48
#
_cell.length_a   1.00
_cell.length_b   1.00
_cell.length_c   1.00
_cell.angle_alpha   90.00
_cell.angle_beta   90.00
_cell.angle_gamma   90.00
#
_symmetry.space_group_name_H-M   'P 1'
#
loop_
_entity.id
_entity.type
_entity.pdbx_description
1 polymer 'P2X purinoceptor 4'
2 branched 2-acetamido-2-deoxy-beta-D-glucopyranose-(1-4)-2-acetamido-2-deoxy-beta-D-glucopyranose
3 branched beta-D-mannopyranose-(1-4)-2-acetamido-2-deoxy-beta-D-glucopyranose-(1-4)-2-acetamido-2-deoxy-beta-D-glucopyranose
4 non-polymer "ADENOSINE-5'-TRIPHOSPHATE"
5 non-polymer 2-acetamido-2-deoxy-beta-D-glucopyranose
6 non-polymer 'MAGNESIUM ION'
7 water water
#
_entity_poly.entity_id   1
_entity_poly.type   'polypeptide(L)'
_entity_poly.pdbx_seq_one_letter_code
;MAGCCAALAAFLFEYDTPRIVLIRSRKVGLMNRAVQLLILAYVIGWVFVWEKGYQETDSVVSSVTTKVKGVAVTNTSKLG
FRIWDVADYVIPAQEENSLFVMTNVILTMNQTQGLCPEIPDATTVCKSDASCTAGSAGTHSNGVSTGRCVAFNGSVKTCE
VAAWCPVEDDTHVPQPAFLKAAENFTLLVKNNIWYPKFNFSKRNILPNITTTYLKSCIYDAKTDPFCPIFRLGKIVENAG
HSFQDMAVEGGIMGIQVNWDCNLDRAASLCLPRYSFRRLDTRDVEHNVSPGYNFRFAKYYRDLAGNEQRTLIKAYGIRFD
IIVFGKAGKFDIIPTMINIGSGLALLGMATVLCDIIVLYCMKKRLYYREKKYKYVEDYEQGLASELDQ
;
_entity_poly.pdbx_strand_id   A,B,C
#
loop_
_chem_comp.id
_chem_comp.type
_chem_comp.name
_chem_comp.formula
ATP non-polymer ADENOSINE-5'-TRIPHOSPHATE 'C10 H16 N5 O13 P3'
BMA D-saccharide, beta linking beta-D-mannopyranose 'C6 H12 O6'
MG non-polymer 'MAGNESIUM ION' 'Mg 2'
NAG D-saccharide, beta linking 2-acetamido-2-deoxy-beta-D-glucopyranose 'C8 H15 N O6'
#
# COMPACT_ATOMS: atom_id res chain seq x y z
N MET A 31 -43.23 29.45 33.18
CA MET A 31 -42.78 28.25 32.48
C MET A 31 -41.55 28.54 31.62
N ASN A 32 -41.42 29.79 31.17
CA ASN A 32 -40.25 30.17 30.40
C ASN A 32 -39.03 29.67 31.13
N ARG A 33 -38.96 29.95 32.43
CA ARG A 33 -37.80 29.55 33.21
C ARG A 33 -37.57 28.04 33.09
N ALA A 34 -38.65 27.27 33.11
CA ALA A 34 -38.52 25.83 32.97
C ALA A 34 -37.93 25.46 31.63
N VAL A 35 -38.43 26.07 30.56
CA VAL A 35 -37.95 25.75 29.23
C VAL A 35 -36.47 26.08 29.11
N GLN A 36 -36.09 27.27 29.56
CA GLN A 36 -34.71 27.67 29.43
C GLN A 36 -33.82 26.67 30.17
N LEU A 37 -34.34 26.13 31.27
CA LEU A 37 -33.55 25.19 32.05
C LEU A 37 -33.28 23.90 31.28
N LEU A 38 -34.29 23.39 30.59
CA LEU A 38 -34.10 22.18 29.81
C LEU A 38 -33.01 22.39 28.78
N ILE A 39 -32.99 23.57 28.17
CA ILE A 39 -31.96 23.88 27.20
C ILE A 39 -30.61 23.90 27.87
N LEU A 40 -30.56 24.42 29.10
CA LEU A 40 -29.31 24.42 29.83
C LEU A 40 -28.85 23.00 30.04
N ALA A 41 -29.79 22.10 30.30
CA ALA A 41 -29.44 20.70 30.47
C ALA A 41 -28.82 20.16 29.19
N TYR A 42 -29.40 20.52 28.05
CA TYR A 42 -28.89 20.02 26.77
C TYR A 42 -27.45 20.45 26.57
N VAL A 43 -27.17 21.73 26.78
CA VAL A 43 -25.82 22.23 26.54
C VAL A 43 -24.82 21.62 27.52
N ILE A 44 -25.22 21.44 28.76
CA ILE A 44 -24.29 20.93 29.78
C ILE A 44 -24.10 19.42 29.72
N GLY A 45 -25.19 18.67 29.54
CA GLY A 45 -25.10 17.22 29.58
C GLY A 45 -24.81 16.52 28.28
N TRP A 46 -25.51 16.90 27.21
CA TRP A 46 -25.33 16.21 25.94
C TRP A 46 -24.12 16.71 25.20
N VAL A 47 -23.85 18.01 25.27
CA VAL A 47 -22.75 18.56 24.49
C VAL A 47 -21.39 18.48 25.20
N PHE A 48 -21.24 19.23 26.29
CA PHE A 48 -19.94 19.26 26.96
C PHE A 48 -19.56 17.94 27.62
N VAL A 49 -20.54 17.23 28.16
CA VAL A 49 -20.24 15.98 28.86
C VAL A 49 -20.34 14.78 27.93
N TRP A 50 -21.53 14.52 27.41
CA TRP A 50 -21.73 13.37 26.54
C TRP A 50 -20.91 13.46 25.26
N GLU A 51 -20.91 14.61 24.62
CA GLU A 51 -20.20 14.76 23.35
C GLU A 51 -18.80 15.33 23.53
N LYS A 52 -18.46 15.71 24.76
CA LYS A 52 -17.15 16.30 25.03
C LYS A 52 -16.86 17.43 24.07
N GLY A 53 -17.76 18.41 24.00
CA GLY A 53 -17.58 19.54 23.11
C GLY A 53 -16.39 20.40 23.50
N TYR A 54 -15.80 20.11 24.66
CA TYR A 54 -14.65 20.87 25.13
C TYR A 54 -13.35 20.32 24.61
N GLN A 55 -13.41 19.35 23.71
CA GLN A 55 -12.19 18.71 23.24
C GLN A 55 -11.99 18.95 21.75
N GLU A 56 -10.73 19.05 21.34
CA GLU A 56 -10.35 19.07 19.94
C GLU A 56 -9.99 17.66 19.50
N THR A 57 -10.37 17.30 18.29
CA THR A 57 -10.19 15.95 17.78
C THR A 57 -9.15 15.91 16.68
N ASP A 58 -8.61 14.71 16.45
CA ASP A 58 -7.60 14.49 15.43
C ASP A 58 -7.63 13.03 15.02
N SER A 59 -7.23 12.76 13.78
CA SER A 59 -7.12 11.41 13.26
C SER A 59 -5.71 10.87 13.49
N VAL A 60 -5.52 9.59 13.19
CA VAL A 60 -4.27 8.91 13.49
C VAL A 60 -3.48 8.70 12.21
N VAL A 61 -2.16 8.69 12.36
CA VAL A 61 -1.23 8.26 11.31
C VAL A 61 -0.52 7.03 11.85
N SER A 62 -0.64 5.90 11.14
CA SER A 62 -0.17 4.62 11.65
C SER A 62 0.82 3.98 10.71
N SER A 63 1.78 3.27 11.31
CA SER A 63 2.75 2.47 10.55
C SER A 63 2.65 1.04 11.11
N VAL A 64 2.57 0.03 10.24
CA VAL A 64 2.39 -1.36 10.65
C VAL A 64 3.51 -2.19 10.06
N THR A 65 4.15 -3.01 10.90
CA THR A 65 5.14 -3.98 10.47
C THR A 65 4.80 -5.34 11.07
N THR A 66 5.09 -6.39 10.32
CA THR A 66 4.68 -7.74 10.71
C THR A 66 5.85 -8.70 10.58
N LYS A 67 5.80 -9.78 11.36
CA LYS A 67 6.77 -10.86 11.29
C LYS A 67 6.07 -12.17 11.63
N VAL A 68 6.35 -13.21 10.84
CA VAL A 68 5.74 -14.52 11.01
C VAL A 68 6.81 -15.52 11.40
N LYS A 69 6.45 -16.44 12.31
CA LYS A 69 7.34 -17.52 12.71
C LYS A 69 6.61 -18.85 12.59
N GLY A 70 7.36 -19.89 12.24
CA GLY A 70 6.81 -21.22 12.09
C GLY A 70 7.49 -21.95 10.95
N VAL A 71 7.60 -23.28 11.08
CA VAL A 71 8.26 -24.13 10.10
C VAL A 71 7.35 -25.31 9.79
N ALA A 72 7.27 -25.67 8.51
CA ALA A 72 6.50 -26.82 8.07
C ALA A 72 7.42 -27.79 7.35
N VAL A 73 7.17 -29.09 7.55
CA VAL A 73 7.97 -30.16 6.95
C VAL A 73 7.04 -31.05 6.14
N THR A 74 7.43 -31.33 4.89
CA THR A 74 6.70 -32.24 4.02
C THR A 74 7.67 -33.25 3.43
N ASN A 75 7.17 -34.47 3.23
CA ASN A 75 7.94 -35.58 2.65
C ASN A 75 7.10 -36.30 1.59
N THR A 76 6.56 -35.53 0.64
CA THR A 76 5.82 -36.11 -0.47
C THR A 76 6.78 -36.83 -1.43
N SER A 77 6.20 -37.71 -2.26
CA SER A 77 7.01 -38.52 -3.16
C SER A 77 7.59 -37.71 -4.31
N LYS A 78 6.79 -36.80 -4.89
CA LYS A 78 7.26 -36.03 -6.03
C LYS A 78 8.30 -35.00 -5.61
N LEU A 79 8.05 -34.26 -4.53
CA LEU A 79 8.93 -33.20 -4.08
C LEU A 79 10.05 -33.69 -3.18
N GLY A 80 9.96 -34.90 -2.66
CA GLY A 80 10.97 -35.36 -1.71
C GLY A 80 10.81 -34.69 -0.37
N PHE A 81 11.90 -34.56 0.35
CA PHE A 81 11.92 -33.96 1.67
C PHE A 81 12.12 -32.45 1.54
N ARG A 82 11.18 -31.70 2.09
CA ARG A 82 11.24 -30.25 1.98
C ARG A 82 11.02 -29.53 3.29
N ILE A 83 11.64 -28.38 3.43
CA ILE A 83 11.50 -27.54 4.60
C ILE A 83 10.91 -26.22 4.16
N TRP A 84 9.90 -25.75 4.87
CA TRP A 84 9.28 -24.46 4.57
C TRP A 84 9.42 -23.56 5.79
N ASP A 85 10.24 -22.53 5.66
CA ASP A 85 10.46 -21.53 6.69
C ASP A 85 9.94 -20.18 6.20
N VAL A 86 10.15 -19.13 7.00
CA VAL A 86 9.53 -17.85 6.74
C VAL A 86 9.94 -17.30 5.38
N ALA A 87 11.15 -17.61 4.92
CA ALA A 87 11.61 -17.14 3.63
C ALA A 87 10.97 -17.90 2.47
N ASP A 88 10.23 -18.96 2.74
CA ASP A 88 9.62 -19.78 1.71
C ASP A 88 8.14 -19.51 1.50
N TYR A 89 7.38 -19.27 2.56
CA TYR A 89 5.93 -19.16 2.46
C TYR A 89 5.39 -17.73 2.57
N VAL A 90 6.25 -16.75 2.82
CA VAL A 90 5.84 -15.35 2.85
C VAL A 90 6.32 -14.70 1.56
N ILE A 91 5.38 -14.30 0.71
CA ILE A 91 5.69 -13.74 -0.60
C ILE A 91 4.93 -12.43 -0.76
N PRO A 92 5.60 -11.28 -0.89
CA PRO A 92 7.06 -11.10 -0.81
C PRO A 92 7.55 -11.00 0.63
N ALA A 93 8.81 -10.62 0.82
CA ALA A 93 9.41 -10.62 2.15
C ALA A 93 8.70 -9.65 3.09
N GLN A 94 8.39 -8.45 2.61
N GLN A 94 8.41 -8.45 2.62
CA GLN A 94 7.72 -7.46 3.44
CA GLN A 94 7.72 -7.45 3.43
C GLN A 94 6.78 -6.64 2.58
C GLN A 94 6.75 -6.67 2.56
N GLU A 95 5.64 -6.25 3.16
CA GLU A 95 4.65 -5.43 2.47
C GLU A 95 4.29 -4.22 3.33
N GLU A 96 3.28 -3.47 2.92
CA GLU A 96 2.76 -2.34 3.70
C GLU A 96 1.33 -2.67 4.11
N ASN A 97 1.10 -2.73 5.42
CA ASN A 97 -0.22 -2.99 6.00
C ASN A 97 -0.81 -4.32 5.57
N SER A 98 0.01 -5.28 5.14
CA SER A 98 -0.51 -6.53 4.64
C SER A 98 0.59 -7.59 4.66
N LEU A 99 0.18 -8.83 4.57
CA LEU A 99 1.11 -9.94 4.38
C LEU A 99 0.35 -11.11 3.79
N PHE A 100 1.09 -12.00 3.09
CA PHE A 100 0.53 -13.20 2.48
C PHE A 100 1.28 -14.42 3.00
N VAL A 101 0.53 -15.45 3.40
CA VAL A 101 1.09 -16.70 3.87
C VAL A 101 0.57 -17.81 2.96
N MET A 102 1.48 -18.60 2.41
CA MET A 102 1.11 -19.71 1.54
C MET A 102 0.56 -20.88 2.35
N THR A 103 -0.56 -21.43 1.91
CA THR A 103 -1.16 -22.60 2.53
C THR A 103 -1.30 -23.79 1.60
N ASN A 104 -1.38 -23.57 0.29
CA ASN A 104 -1.46 -24.64 -0.69
C ASN A 104 -0.62 -24.23 -1.90
N VAL A 105 -0.11 -25.23 -2.63
CA VAL A 105 0.84 -24.94 -3.69
C VAL A 105 0.73 -26.02 -4.77
N ILE A 106 0.98 -25.61 -6.01
CA ILE A 106 1.18 -26.50 -7.15
C ILE A 106 2.50 -26.10 -7.81
N LEU A 107 3.38 -27.07 -8.04
CA LEU A 107 4.73 -26.81 -8.54
C LEU A 107 4.94 -27.44 -9.90
N THR A 108 5.61 -26.69 -10.78
CA THR A 108 6.03 -27.18 -12.10
C THR A 108 7.51 -26.89 -12.25
N MET A 109 8.32 -27.94 -12.11
CA MET A 109 9.75 -27.77 -12.18
C MET A 109 10.31 -28.05 -13.55
N ASN A 110 11.51 -27.57 -13.81
CA ASN A 110 12.17 -27.72 -15.11
C ASN A 110 11.28 -27.27 -16.28
N GLN A 111 11.00 -25.98 -16.30
CA GLN A 111 10.32 -25.36 -17.43
C GLN A 111 11.32 -24.60 -18.27
N THR A 112 11.29 -24.84 -19.59
CA THR A 112 12.16 -24.16 -20.54
C THR A 112 11.34 -23.64 -21.72
N GLN A 113 11.81 -22.56 -22.33
CA GLN A 113 11.12 -21.98 -23.47
C GLN A 113 11.26 -22.87 -24.70
N GLY A 114 10.13 -23.17 -25.34
CA GLY A 114 10.15 -24.07 -26.48
C GLY A 114 8.74 -24.35 -26.97
N LEU A 115 8.55 -25.58 -27.46
CA LEU A 115 7.28 -26.04 -28.01
C LEU A 115 6.82 -27.27 -27.25
N CYS A 116 5.52 -27.32 -26.94
CA CYS A 116 4.97 -28.42 -26.15
C CYS A 116 3.47 -28.50 -26.43
N PRO A 117 2.86 -29.66 -26.20
CA PRO A 117 1.40 -29.75 -26.28
C PRO A 117 0.72 -29.12 -25.06
N GLU A 118 -0.56 -28.78 -25.26
CA GLU A 118 -1.36 -28.22 -24.18
C GLU A 118 -1.92 -29.32 -23.28
N ILE A 119 -2.48 -28.91 -22.16
CA ILE A 119 -3.17 -29.85 -21.26
C ILE A 119 -4.47 -30.30 -21.93
N PRO A 120 -4.74 -31.59 -22.03
CA PRO A 120 -5.95 -32.04 -22.72
C PRO A 120 -7.22 -31.58 -22.02
N ASP A 121 -8.18 -31.14 -22.80
CA ASP A 121 -9.50 -30.74 -22.31
C ASP A 121 -10.47 -30.73 -23.48
N ALA A 122 -11.65 -30.15 -23.28
CA ALA A 122 -12.64 -30.08 -24.34
C ALA A 122 -12.25 -29.11 -25.45
N THR A 123 -11.31 -28.21 -25.18
CA THR A 123 -10.94 -27.17 -26.13
C THR A 123 -9.65 -27.45 -26.88
N THR A 124 -8.61 -27.93 -26.19
CA THR A 124 -7.31 -28.09 -26.81
C THR A 124 -7.16 -29.39 -27.59
N VAL A 125 -8.09 -30.33 -27.43
CA VAL A 125 -7.96 -31.62 -28.11
C VAL A 125 -8.26 -31.44 -29.59
N CYS A 126 -7.36 -31.92 -30.43
CA CYS A 126 -7.49 -31.82 -31.89
C CYS A 126 -7.29 -33.18 -32.53
N LYS A 127 -7.86 -33.35 -33.71
CA LYS A 127 -7.68 -34.56 -34.49
C LYS A 127 -6.66 -34.39 -35.61
N SER A 128 -6.47 -33.17 -36.11
CA SER A 128 -5.51 -32.91 -37.17
C SER A 128 -5.10 -31.44 -37.09
N ASP A 129 -4.16 -31.07 -37.97
CA ASP A 129 -3.67 -29.69 -37.98
C ASP A 129 -4.72 -28.71 -38.47
N ALA A 130 -5.80 -29.19 -39.08
CA ALA A 130 -6.85 -28.29 -39.55
C ALA A 130 -7.56 -27.61 -38.39
N SER A 131 -7.78 -28.35 -37.29
CA SER A 131 -8.47 -27.78 -36.14
C SER A 131 -7.67 -26.66 -35.50
N CYS A 132 -6.35 -26.84 -35.40
CA CYS A 132 -5.50 -25.83 -34.78
C CYS A 132 -5.25 -24.68 -35.74
N THR A 133 -5.28 -23.46 -35.20
CA THR A 133 -5.04 -22.25 -35.96
C THR A 133 -3.80 -21.55 -35.41
N ALA A 134 -2.86 -21.23 -36.29
CA ALA A 134 -1.63 -20.58 -35.87
C ALA A 134 -1.92 -19.17 -35.36
N GLY A 135 -1.21 -18.79 -34.29
CA GLY A 135 -1.40 -17.49 -33.69
C GLY A 135 -2.59 -17.37 -32.78
N SER A 136 -3.27 -18.48 -32.48
CA SER A 136 -4.46 -18.45 -31.62
C SER A 136 -4.04 -18.27 -30.16
N ALA A 137 -3.52 -17.08 -29.88
CA ALA A 137 -3.06 -16.71 -28.55
C ALA A 137 -4.23 -16.06 -27.82
N GLY A 138 -5.04 -16.89 -27.16
CA GLY A 138 -6.16 -16.41 -26.40
C GLY A 138 -5.75 -15.87 -25.04
N THR A 139 -6.76 -15.39 -24.30
CA THR A 139 -6.49 -14.90 -22.96
C THR A 139 -6.15 -16.04 -22.00
N HIS A 140 -6.78 -17.19 -22.17
CA HIS A 140 -6.56 -18.33 -21.28
C HIS A 140 -5.48 -19.28 -21.79
N SER A 141 -4.88 -19.00 -22.95
CA SER A 141 -3.80 -19.82 -23.45
C SER A 141 -2.48 -19.37 -22.85
N ASN A 142 -1.77 -20.29 -22.20
CA ASN A 142 -0.47 -19.97 -21.60
C ASN A 142 0.63 -19.86 -22.63
N GLY A 143 0.35 -20.19 -23.89
CA GLY A 143 1.30 -20.00 -24.97
C GLY A 143 0.63 -19.59 -26.25
N VAL A 144 1.40 -19.44 -27.32
CA VAL A 144 0.88 -19.04 -28.62
C VAL A 144 0.82 -20.28 -29.50
N SER A 145 -0.37 -20.61 -29.99
CA SER A 145 -0.57 -21.83 -30.76
C SER A 145 0.18 -21.74 -32.09
N THR A 146 0.84 -22.84 -32.46
CA THR A 146 1.62 -22.89 -33.69
C THR A 146 0.87 -23.53 -34.85
N GLY A 147 -0.39 -23.88 -34.67
CA GLY A 147 -1.17 -24.48 -35.75
C GLY A 147 -0.89 -25.94 -36.02
N ARG A 148 -0.20 -26.63 -35.11
CA ARG A 148 0.12 -28.04 -35.28
C ARG A 148 -0.54 -28.85 -34.19
N CYS A 149 -1.04 -30.03 -34.55
CA CYS A 149 -1.65 -30.96 -33.62
C CYS A 149 -0.61 -32.03 -33.27
N VAL A 150 -0.15 -32.02 -32.02
CA VAL A 150 0.87 -32.95 -31.57
C VAL A 150 0.28 -33.83 -30.47
N ALA A 151 1.01 -34.88 -30.12
CA ALA A 151 0.51 -35.87 -29.17
C ALA A 151 0.92 -35.49 -27.75
N PHE A 152 -0.07 -35.28 -26.89
CA PHE A 152 0.21 -35.08 -25.47
C PHE A 152 0.75 -36.35 -24.84
N ASN A 153 0.10 -37.48 -25.13
CA ASN A 153 0.61 -38.79 -24.75
C ASN A 153 0.16 -39.79 -25.81
N GLY A 154 0.20 -41.08 -25.48
CA GLY A 154 -0.10 -42.10 -26.48
C GLY A 154 -1.52 -42.06 -26.99
N SER A 155 -2.48 -41.69 -26.13
CA SER A 155 -3.90 -41.79 -26.47
C SER A 155 -4.54 -40.47 -26.87
N VAL A 156 -4.02 -39.34 -26.40
CA VAL A 156 -4.64 -38.05 -26.64
C VAL A 156 -3.70 -37.17 -27.45
N LYS A 157 -4.28 -36.33 -28.30
CA LYS A 157 -3.54 -35.36 -29.11
C LYS A 157 -4.12 -33.98 -28.85
N THR A 158 -3.25 -33.01 -28.59
CA THR A 158 -3.66 -31.65 -28.27
C THR A 158 -2.88 -30.67 -29.14
N CYS A 159 -3.37 -29.44 -29.20
CA CYS A 159 -2.73 -28.40 -30.00
C CYS A 159 -1.39 -28.02 -29.41
N GLU A 160 -0.44 -27.70 -30.29
CA GLU A 160 0.90 -27.30 -29.86
C GLU A 160 0.96 -25.80 -29.63
N VAL A 161 1.67 -25.40 -28.58
CA VAL A 161 1.84 -24.00 -28.23
C VAL A 161 3.31 -23.73 -27.99
N ALA A 162 3.68 -22.46 -28.08
CA ALA A 162 5.01 -21.97 -27.71
C ALA A 162 4.91 -21.28 -26.36
N ALA A 163 5.53 -21.88 -25.35
CA ALA A 163 5.47 -21.37 -23.98
C ALA A 163 6.64 -21.96 -23.22
N TRP A 164 6.63 -21.77 -21.89
CA TRP A 164 7.51 -22.52 -21.02
C TRP A 164 6.98 -23.95 -20.87
N CYS A 165 7.84 -24.93 -21.11
CA CYS A 165 7.40 -26.31 -21.22
C CYS A 165 8.08 -27.18 -20.18
N PRO A 166 7.36 -28.14 -19.58
CA PRO A 166 5.94 -28.46 -19.84
C PRO A 166 4.97 -27.47 -19.20
N VAL A 167 3.75 -27.42 -19.72
CA VAL A 167 2.76 -26.48 -19.21
C VAL A 167 2.20 -26.95 -17.87
N GLU A 168 1.69 -26.01 -17.10
CA GLU A 168 1.20 -26.29 -15.76
C GLU A 168 -0.12 -27.06 -15.82
N ASP A 169 -0.27 -28.01 -14.90
CA ASP A 169 -1.51 -28.77 -14.74
C ASP A 169 -2.05 -28.48 -13.35
N ASP A 170 -3.10 -27.65 -13.26
CA ASP A 170 -3.65 -27.21 -12.00
C ASP A 170 -5.08 -27.69 -11.80
N THR A 171 -5.44 -28.82 -12.40
CA THR A 171 -6.82 -29.30 -12.30
C THR A 171 -7.11 -29.90 -10.93
N HIS A 172 -6.10 -30.42 -10.26
CA HIS A 172 -6.27 -31.10 -8.96
C HIS A 172 -5.57 -30.29 -7.88
N VAL A 173 -6.32 -29.42 -7.22
CA VAL A 173 -5.81 -28.68 -6.06
C VAL A 173 -5.65 -29.65 -4.90
N PRO A 174 -4.48 -29.68 -4.24
CA PRO A 174 -4.28 -30.65 -3.15
C PRO A 174 -5.28 -30.45 -2.01
N GLN A 175 -5.76 -31.57 -1.47
CA GLN A 175 -6.72 -31.57 -0.37
C GLN A 175 -6.45 -32.75 0.54
N PRO A 176 -6.10 -32.53 1.82
CA PRO A 176 -6.00 -31.24 2.51
C PRO A 176 -4.82 -30.40 2.05
N ALA A 177 -4.73 -29.17 2.56
CA ALA A 177 -3.75 -28.22 2.07
C ALA A 177 -2.33 -28.75 2.26
N PHE A 178 -1.47 -28.40 1.30
CA PHE A 178 -0.08 -28.85 1.35
C PHE A 178 0.64 -28.30 2.57
N LEU A 179 0.38 -27.05 2.92
CA LEU A 179 1.03 -26.40 4.05
C LEU A 179 0.01 -26.16 5.17
N LYS A 180 -0.76 -27.20 5.50
CA LYS A 180 -1.79 -27.08 6.53
C LYS A 180 -1.19 -26.85 7.91
N ALA A 181 0.12 -27.04 8.08
CA ALA A 181 0.76 -26.76 9.35
C ALA A 181 0.82 -25.26 9.64
N ALA A 182 0.49 -24.42 8.66
CA ALA A 182 0.48 -22.98 8.86
C ALA A 182 -0.57 -22.53 9.86
N GLU A 183 -1.50 -23.41 10.23
CA GLU A 183 -2.50 -23.10 11.25
C GLU A 183 -1.85 -22.74 12.58
N ASN A 184 -0.66 -23.28 12.84
CA ASN A 184 0.01 -23.10 14.12
C ASN A 184 1.11 -22.05 14.06
N PHE A 185 1.21 -21.30 12.95
CA PHE A 185 2.17 -20.21 12.86
C PHE A 185 1.69 -19.03 13.71
N THR A 186 2.63 -18.19 14.12
CA THR A 186 2.33 -17.02 14.93
C THR A 186 2.76 -15.76 14.18
N LEU A 187 2.00 -14.68 14.41
CA LEU A 187 2.23 -13.40 13.72
C LEU A 187 2.37 -12.31 14.75
N LEU A 188 3.43 -11.50 14.63
CA LEU A 188 3.63 -10.34 15.48
C LEU A 188 3.27 -9.08 14.69
N VAL A 189 2.41 -8.26 15.29
CA VAL A 189 1.98 -7.00 14.68
C VAL A 189 2.55 -5.86 15.50
N LYS A 190 3.36 -5.02 14.86
CA LYS A 190 3.92 -3.82 15.48
C LYS A 190 3.26 -2.60 14.85
N ASN A 191 2.50 -1.87 15.64
CA ASN A 191 1.74 -0.71 15.17
C ASN A 191 2.24 0.53 15.88
N ASN A 192 2.72 1.51 15.11
CA ASN A 192 3.17 2.79 15.64
C ASN A 192 2.16 3.85 15.21
N ILE A 193 1.56 4.54 16.17
CA ILE A 193 0.54 5.53 15.89
C ILE A 193 1.05 6.92 16.28
N TRP A 194 0.61 7.94 15.56
CA TRP A 194 1.05 9.31 15.80
C TRP A 194 -0.12 10.24 15.56
N TYR A 195 -0.36 11.15 16.50
CA TYR A 195 -1.36 12.20 16.33
C TYR A 195 -0.64 13.50 16.06
N PRO A 196 -0.61 13.99 14.81
CA PRO A 196 0.23 15.15 14.50
C PRO A 196 -0.20 16.41 15.24
N LYS A 197 -1.45 16.51 15.65
CA LYS A 197 -1.95 17.75 16.24
C LYS A 197 -1.49 17.91 17.69
N PHE A 198 -1.39 16.80 18.44
CA PHE A 198 -1.17 16.88 19.87
C PHE A 198 0.23 16.49 20.34
N ASN A 199 1.16 16.17 19.42
CA ASN A 199 2.47 15.65 19.86
C ASN A 199 2.32 14.44 20.77
N PHE A 200 1.69 13.39 20.23
CA PHE A 200 1.52 12.16 20.98
C PHE A 200 1.78 10.99 20.05
N SER A 201 2.71 10.12 20.44
CA SER A 201 3.01 8.91 19.69
C SER A 201 3.26 7.76 20.65
N LYS A 202 2.86 6.57 20.25
CA LYS A 202 3.11 5.36 21.03
C LYS A 202 2.92 4.15 20.11
N ARG A 203 3.20 2.97 20.65
CA ARG A 203 3.06 1.75 19.88
C ARG A 203 2.17 0.76 20.62
N ASN A 204 1.74 -0.28 19.93
CA ASN A 204 0.85 -1.27 20.52
C ASN A 204 1.59 -2.23 21.43
N ILE A 205 2.92 -2.25 21.38
CA ILE A 205 3.72 -2.99 22.36
C ILE A 205 3.89 -2.08 23.58
N LEU A 206 3.13 -2.37 24.63
CA LEU A 206 3.03 -1.46 25.75
C LEU A 206 4.35 -1.36 26.53
N PRO A 207 4.60 -0.24 27.20
CA PRO A 207 5.84 -0.11 27.98
C PRO A 207 5.98 -1.09 29.13
N ASN A 208 4.91 -1.72 29.59
CA ASN A 208 4.96 -2.69 30.67
C ASN A 208 5.09 -4.13 30.17
N ILE A 209 5.32 -4.29 28.86
CA ILE A 209 5.60 -5.59 28.26
C ILE A 209 7.11 -5.79 28.22
N THR A 210 7.56 -6.94 28.71
CA THR A 210 8.99 -7.28 28.76
C THR A 210 9.32 -8.30 27.66
N THR A 211 10.63 -8.52 27.49
CA THR A 211 11.10 -9.49 26.51
C THR A 211 10.71 -10.91 26.89
N THR A 212 10.79 -11.24 28.19
CA THR A 212 10.42 -12.56 28.66
C THR A 212 8.95 -12.85 28.38
N TYR A 213 8.08 -11.87 28.62
CA TYR A 213 6.67 -12.03 28.32
C TYR A 213 6.44 -12.14 26.81
N LEU A 214 7.09 -11.29 26.01
CA LEU A 214 6.88 -11.29 24.58
C LEU A 214 7.40 -12.56 23.91
N LYS A 215 8.33 -13.27 24.56
CA LYS A 215 8.89 -14.47 23.94
C LYS A 215 7.90 -15.63 23.94
N SER A 216 6.90 -15.63 24.82
CA SER A 216 6.05 -16.80 24.98
C SER A 216 4.58 -16.44 25.18
N CYS A 217 4.12 -15.34 24.61
CA CYS A 217 2.72 -14.92 24.78
C CYS A 217 1.93 -15.14 23.49
N ILE A 218 0.67 -15.55 23.65
CA ILE A 218 -0.27 -15.69 22.56
C ILE A 218 -1.52 -14.88 22.91
N TYR A 219 -2.01 -14.10 21.95
CA TYR A 219 -3.13 -13.21 22.22
C TYR A 219 -4.39 -14.00 22.59
N ASP A 220 -5.10 -13.48 23.59
CA ASP A 220 -6.41 -13.98 23.96
C ASP A 220 -7.21 -12.81 24.52
N ALA A 221 -8.49 -12.73 24.17
CA ALA A 221 -9.29 -11.57 24.53
C ALA A 221 -9.43 -11.42 26.05
N LYS A 222 -9.36 -12.52 26.79
CA LYS A 222 -9.56 -12.50 28.24
C LYS A 222 -8.26 -12.59 29.02
N THR A 223 -7.34 -13.47 28.60
CA THR A 223 -6.15 -13.71 29.41
C THR A 223 -5.00 -12.79 29.03
N ASP A 224 -4.75 -12.60 27.73
CA ASP A 224 -3.66 -11.75 27.24
C ASP A 224 -4.21 -10.77 26.22
N PRO A 225 -4.96 -9.76 26.65
CA PRO A 225 -5.59 -8.84 25.70
C PRO A 225 -4.61 -7.87 25.04
N PHE A 226 -3.36 -7.81 25.48
CA PHE A 226 -2.39 -6.87 24.92
C PHE A 226 -1.11 -7.52 24.44
N CYS A 227 -1.10 -8.84 24.30
CA CYS A 227 0.01 -9.50 23.63
C CYS A 227 -0.13 -9.32 22.13
N PRO A 228 0.85 -8.73 21.44
CA PRO A 228 0.69 -8.44 20.02
C PRO A 228 1.02 -9.60 19.09
N ILE A 229 1.04 -10.82 19.63
CA ILE A 229 1.36 -12.01 18.86
C ILE A 229 0.10 -12.85 18.74
N PHE A 230 -0.31 -13.13 17.50
CA PHE A 230 -1.54 -13.86 17.22
C PHE A 230 -1.20 -15.16 16.50
N ARG A 231 -1.98 -16.20 16.77
CA ARG A 231 -1.87 -17.46 16.06
C ARG A 231 -2.87 -17.45 14.90
N LEU A 232 -2.41 -17.89 13.72
CA LEU A 232 -3.20 -17.73 12.50
C LEU A 232 -4.50 -18.53 12.57
N GLY A 233 -4.43 -19.77 13.04
CA GLY A 233 -5.63 -20.56 13.20
C GLY A 233 -6.62 -19.91 14.16
N LYS A 234 -6.10 -19.34 15.25
CA LYS A 234 -6.96 -18.63 16.19
C LYS A 234 -7.55 -17.36 15.57
N ILE A 235 -6.78 -16.69 14.71
CA ILE A 235 -7.30 -15.53 14.00
C ILE A 235 -8.50 -15.91 13.15
N VAL A 236 -8.36 -17.00 12.38
CA VAL A 236 -9.45 -17.43 11.50
C VAL A 236 -10.63 -17.93 12.32
N GLU A 237 -10.37 -18.63 13.42
CA GLU A 237 -11.45 -19.14 14.26
C GLU A 237 -12.23 -18.01 14.94
N ASN A 238 -11.54 -16.98 15.41
CA ASN A 238 -12.20 -15.86 16.06
C ASN A 238 -13.08 -15.08 15.10
N ALA A 239 -12.86 -15.22 13.79
CA ALA A 239 -13.72 -14.59 12.79
C ALA A 239 -14.93 -15.44 12.45
N GLY A 240 -15.06 -16.63 13.04
CA GLY A 240 -16.20 -17.48 12.78
C GLY A 240 -16.04 -18.48 11.66
N HIS A 241 -14.80 -18.83 11.32
CA HIS A 241 -14.52 -19.73 10.21
C HIS A 241 -13.54 -20.81 10.64
N SER A 242 -13.21 -21.68 9.70
CA SER A 242 -12.31 -22.81 9.94
C SER A 242 -11.05 -22.63 9.09
N PHE A 243 -9.88 -22.79 9.73
CA PHE A 243 -8.63 -22.56 9.01
C PHE A 243 -8.40 -23.61 7.95
N GLN A 244 -8.72 -24.88 8.22
CA GLN A 244 -8.43 -25.94 7.27
C GLN A 244 -9.29 -25.83 6.03
N ASP A 245 -10.56 -25.42 6.18
CA ASP A 245 -11.40 -25.19 5.01
C ASP A 245 -10.87 -24.04 4.17
N MET A 246 -10.45 -22.95 4.83
CA MET A 246 -9.98 -21.76 4.12
C MET A 246 -8.60 -21.95 3.51
N ALA A 247 -7.81 -22.90 4.00
CA ALA A 247 -6.44 -23.06 3.57
C ALA A 247 -6.31 -23.77 2.22
N VAL A 248 -7.36 -24.45 1.77
CA VAL A 248 -7.28 -25.19 0.51
C VAL A 248 -7.22 -24.23 -0.68
N GLU A 249 -8.03 -23.17 -0.65
CA GLU A 249 -8.06 -22.21 -1.75
C GLU A 249 -7.67 -20.80 -1.36
N GLY A 250 -7.57 -20.49 -0.07
CA GLY A 250 -7.15 -19.17 0.35
C GLY A 250 -8.30 -18.21 0.60
N GLY A 251 -7.93 -16.99 0.92
CA GLY A 251 -8.91 -15.95 1.18
C GLY A 251 -8.23 -14.69 1.70
N ILE A 252 -9.06 -13.77 2.18
CA ILE A 252 -8.61 -12.51 2.74
C ILE A 252 -9.14 -12.41 4.16
N MET A 253 -8.25 -12.11 5.12
CA MET A 253 -8.66 -11.95 6.54
C MET A 253 -8.30 -10.53 6.98
N GLY A 254 -9.20 -9.86 7.70
CA GLY A 254 -8.94 -8.46 8.10
C GLY A 254 -8.71 -8.34 9.59
N ILE A 255 -7.52 -7.85 9.99
CA ILE A 255 -7.25 -7.61 11.45
C ILE A 255 -7.51 -6.12 11.72
N GLN A 256 -8.50 -5.82 12.56
CA GLN A 256 -8.87 -4.41 12.82
C GLN A 256 -8.28 -3.93 14.14
N VAL A 257 -7.46 -2.88 14.11
CA VAL A 257 -6.88 -2.30 15.35
C VAL A 257 -7.60 -0.98 15.65
N ASN A 258 -8.09 -0.80 16.88
CA ASN A 258 -8.88 0.42 17.20
C ASN A 258 -8.23 1.19 18.35
N TRP A 259 -7.94 2.49 18.14
CA TRP A 259 -7.41 3.33 19.19
C TRP A 259 -8.46 4.37 19.57
N ASP A 260 -8.83 4.38 20.85
CA ASP A 260 -9.82 5.32 21.38
C ASP A 260 -9.18 5.96 22.61
N CYS A 261 -8.41 7.02 22.38
CA CYS A 261 -7.58 7.61 23.44
C CYS A 261 -8.10 9.01 23.78
N ASN A 262 -8.24 9.26 25.07
CA ASN A 262 -8.60 10.56 25.61
C ASN A 262 -7.34 11.14 26.22
N LEU A 263 -6.75 12.13 25.56
CA LEU A 263 -5.43 12.62 25.97
C LEU A 263 -5.47 13.45 27.26
N ASP A 264 -6.66 13.80 27.76
CA ASP A 264 -6.73 14.43 29.07
C ASP A 264 -6.35 13.45 30.18
N ARG A 265 -6.55 12.16 29.95
CA ARG A 265 -6.20 11.13 30.92
C ARG A 265 -4.70 10.83 30.83
N ALA A 266 -4.28 9.80 31.55
CA ALA A 266 -2.89 9.37 31.49
C ALA A 266 -2.59 8.73 30.13
N ALA A 267 -1.33 8.80 29.73
CA ALA A 267 -0.93 8.22 28.44
C ALA A 267 -0.97 6.70 28.46
N SER A 268 -0.93 6.08 29.64
CA SER A 268 -0.96 4.63 29.72
C SER A 268 -2.35 4.06 29.49
N LEU A 269 -3.37 4.91 29.41
CA LEU A 269 -4.74 4.45 29.18
C LEU A 269 -5.12 4.46 27.71
N CYS A 270 -4.25 4.93 26.82
CA CYS A 270 -4.49 4.87 25.38
C CYS A 270 -4.07 3.48 24.91
N LEU A 271 -5.06 2.60 24.72
CA LEU A 271 -4.83 1.19 24.48
C LEU A 271 -5.55 0.73 23.23
N PRO A 272 -5.01 -0.27 22.53
CA PRO A 272 -5.65 -0.77 21.32
C PRO A 272 -6.59 -1.95 21.58
N ARG A 273 -7.57 -2.07 20.69
CA ARG A 273 -8.54 -3.16 20.71
C ARG A 273 -8.51 -3.88 19.37
N TYR A 274 -8.58 -5.21 19.42
CA TYR A 274 -8.42 -6.06 18.24
C TYR A 274 -9.71 -6.79 17.90
N SER A 275 -10.03 -6.84 16.61
CA SER A 275 -11.16 -7.62 16.12
C SER A 275 -10.79 -8.17 14.74
N PHE A 276 -11.48 -9.24 14.34
CA PHE A 276 -11.13 -9.98 13.13
C PHE A 276 -12.37 -10.21 12.29
N ARG A 277 -12.19 -10.19 10.98
CA ARG A 277 -13.29 -10.40 10.04
C ARG A 277 -12.75 -10.92 8.72
N ARG A 278 -13.47 -11.89 8.14
CA ARG A 278 -13.14 -12.36 6.80
C ARG A 278 -13.62 -11.35 5.76
N LEU A 279 -12.74 -10.98 4.83
CA LEU A 279 -13.02 -9.89 3.91
C LEU A 279 -13.48 -10.33 2.53
N ASP A 280 -13.15 -11.55 2.10
CA ASP A 280 -13.51 -12.00 0.76
C ASP A 280 -14.90 -12.63 0.78
N THR A 281 -15.77 -12.15 -0.09
CA THR A 281 -17.13 -12.67 -0.18
C THR A 281 -17.14 -13.96 -1.00
N ARG A 282 -17.82 -14.98 -0.48
CA ARG A 282 -17.85 -16.30 -1.09
C ARG A 282 -19.18 -16.51 -1.80
N ASP A 283 -19.12 -17.12 -2.99
CA ASP A 283 -20.31 -17.48 -3.73
C ASP A 283 -20.56 -18.98 -3.56
N VAL A 284 -21.77 -19.33 -3.12
CA VAL A 284 -22.14 -20.72 -2.94
C VAL A 284 -23.15 -21.19 -3.98
N GLU A 285 -23.88 -20.28 -4.62
CA GLU A 285 -24.82 -20.69 -5.65
C GLU A 285 -24.10 -21.09 -6.93
N HIS A 286 -23.08 -20.33 -7.33
CA HIS A 286 -22.34 -20.61 -8.55
C HIS A 286 -20.87 -20.92 -8.32
N ASN A 287 -20.29 -20.46 -7.20
CA ASN A 287 -18.88 -20.68 -6.87
C ASN A 287 -17.97 -20.10 -7.95
N VAL A 288 -18.11 -18.79 -8.15
CA VAL A 288 -17.37 -18.07 -9.18
C VAL A 288 -16.19 -17.36 -8.52
N SER A 289 -14.99 -17.69 -8.98
CA SER A 289 -13.75 -17.07 -8.50
C SER A 289 -13.58 -17.16 -6.98
N PRO A 290 -13.39 -18.36 -6.44
CA PRO A 290 -13.22 -18.50 -4.99
C PRO A 290 -11.77 -18.37 -4.54
N GLY A 291 -11.62 -18.09 -3.25
CA GLY A 291 -10.31 -18.07 -2.63
C GLY A 291 -9.44 -16.92 -3.09
N TYR A 292 -8.14 -17.19 -3.19
CA TYR A 292 -7.14 -16.20 -3.58
C TYR A 292 -5.86 -16.92 -3.96
N ASN A 293 -5.32 -16.61 -5.13
CA ASN A 293 -4.10 -17.26 -5.61
C ASN A 293 -3.40 -16.37 -6.63
N PHE A 294 -2.12 -16.69 -6.86
CA PHE A 294 -1.32 -16.01 -7.86
C PHE A 294 -0.18 -16.94 -8.28
N ARG A 295 0.59 -16.51 -9.28
CA ARG A 295 1.69 -17.29 -9.82
C ARG A 295 2.98 -16.51 -9.76
N PHE A 296 4.07 -17.19 -9.42
CA PHE A 296 5.40 -16.60 -9.44
C PHE A 296 6.40 -17.71 -9.73
N ALA A 297 7.61 -17.31 -10.13
CA ALA A 297 8.61 -18.25 -10.60
C ALA A 297 9.96 -17.99 -9.96
N LYS A 298 10.77 -19.05 -9.90
CA LYS A 298 12.17 -18.98 -9.49
C LYS A 298 13.03 -19.39 -10.68
N TYR A 299 13.99 -18.55 -11.04
CA TYR A 299 14.74 -18.69 -12.28
C TYR A 299 16.13 -19.25 -12.03
N TYR A 300 16.57 -20.15 -12.92
CA TYR A 300 17.88 -20.76 -12.86
C TYR A 300 18.51 -20.73 -14.24
N ARG A 301 19.76 -21.18 -14.31
CA ARG A 301 20.49 -21.34 -15.56
C ARG A 301 21.18 -22.70 -15.55
N ASP A 302 21.43 -23.25 -16.73
CA ASP A 302 22.18 -24.49 -16.85
C ASP A 302 23.63 -24.17 -17.15
N LEU A 303 24.42 -25.20 -17.45
CA LEU A 303 25.81 -25.00 -17.81
C LEU A 303 25.96 -24.31 -19.16
N ALA A 304 25.01 -24.54 -20.07
CA ALA A 304 25.05 -23.92 -21.39
C ALA A 304 24.52 -22.49 -21.40
N GLY A 305 23.90 -22.03 -20.31
CA GLY A 305 23.41 -20.68 -20.24
C GLY A 305 21.95 -20.50 -20.59
N ASN A 306 21.21 -21.59 -20.78
CA ASN A 306 19.79 -21.48 -21.09
C ASN A 306 18.97 -21.19 -19.85
N GLU A 307 17.95 -20.37 -20.01
CA GLU A 307 17.10 -20.04 -18.89
C GLU A 307 16.18 -21.17 -18.50
N GLN A 308 16.03 -21.39 -17.21
CA GLN A 308 15.18 -22.44 -16.68
C GLN A 308 14.44 -21.88 -15.48
N ARG A 309 13.26 -22.43 -15.20
CA ARG A 309 12.46 -21.87 -14.12
C ARG A 309 11.58 -22.93 -13.48
N THR A 310 11.15 -22.63 -12.26
CA THR A 310 10.14 -23.40 -11.55
C THR A 310 8.92 -22.51 -11.40
N LEU A 311 7.78 -22.96 -11.92
CA LEU A 311 6.53 -22.21 -11.82
C LEU A 311 5.77 -22.63 -10.57
N ILE A 312 5.31 -21.64 -9.81
CA ILE A 312 4.64 -21.87 -8.54
C ILE A 312 3.28 -21.19 -8.57
N LYS A 313 2.22 -22.00 -8.40
CA LYS A 313 0.86 -21.44 -8.21
C LYS A 313 0.62 -21.49 -6.70
N ALA A 314 0.44 -20.34 -6.05
CA ALA A 314 0.36 -20.22 -4.61
C ALA A 314 -1.05 -19.88 -4.18
N TYR A 315 -1.64 -20.73 -3.33
CA TYR A 315 -2.88 -20.43 -2.63
C TYR A 315 -2.53 -20.06 -1.20
N GLY A 316 -3.27 -19.12 -0.63
CA GLY A 316 -2.99 -18.74 0.75
C GLY A 316 -3.89 -17.62 1.19
N ILE A 317 -3.67 -17.20 2.43
CA ILE A 317 -4.49 -16.20 3.09
C ILE A 317 -3.71 -14.89 3.17
N ARG A 318 -4.35 -13.80 2.77
CA ARG A 318 -3.76 -12.46 2.91
C ARG A 318 -4.32 -11.80 4.16
N PHE A 319 -3.44 -11.29 5.00
CA PHE A 319 -3.84 -10.66 6.26
C PHE A 319 -3.67 -9.15 6.11
N ASP A 320 -4.79 -8.43 6.09
CA ASP A 320 -4.78 -6.98 6.00
C ASP A 320 -4.94 -6.38 7.39
N ILE A 321 -4.11 -5.40 7.71
CA ILE A 321 -4.15 -4.72 8.99
C ILE A 321 -4.82 -3.36 8.78
N ILE A 322 -5.95 -3.14 9.45
CA ILE A 322 -6.72 -1.92 9.30
C ILE A 322 -6.73 -1.21 10.66
N VAL A 323 -6.27 0.03 10.68
CA VAL A 323 -6.09 0.77 11.92
C VAL A 323 -7.01 1.99 11.89
N PHE A 324 -7.85 2.11 12.91
CA PHE A 324 -8.70 3.27 13.11
C PHE A 324 -8.33 3.91 14.44
N GLY A 325 -8.31 5.23 14.48
CA GLY A 325 -8.02 5.92 15.72
C GLY A 325 -8.27 7.41 15.70
N LYS A 326 -8.87 7.91 16.79
CA LYS A 326 -9.12 9.33 16.94
C LYS A 326 -8.76 9.71 18.36
N ALA A 327 -8.22 10.90 18.58
CA ALA A 327 -7.82 11.35 19.90
C ALA A 327 -8.58 12.61 20.26
N GLY A 328 -8.71 12.85 21.57
CA GLY A 328 -9.36 14.04 22.06
C GLY A 328 -8.60 14.71 23.17
N LYS A 329 -8.36 16.01 23.05
CA LYS A 329 -7.67 16.77 24.08
C LYS A 329 -8.41 18.08 24.32
N PHE A 330 -8.43 18.52 25.57
CA PHE A 330 -9.15 19.73 25.94
C PHE A 330 -8.62 20.94 25.21
N ASP A 331 -9.52 21.75 24.66
CA ASP A 331 -9.17 22.99 23.99
C ASP A 331 -10.23 24.03 24.28
N ILE A 332 -9.79 25.28 24.47
CA ILE A 332 -10.69 26.33 24.93
C ILE A 332 -11.65 26.78 23.82
N ILE A 333 -11.15 26.78 22.59
CA ILE A 333 -11.98 27.23 21.47
C ILE A 333 -13.28 26.45 21.36
N PRO A 334 -13.20 25.12 21.20
CA PRO A 334 -14.45 24.38 20.99
C PRO A 334 -15.38 24.63 22.16
N THR A 335 -14.84 24.68 23.37
CA THR A 335 -15.66 24.90 24.54
C THR A 335 -16.43 26.19 24.40
N MET A 336 -15.73 27.28 24.11
CA MET A 336 -16.39 28.58 24.00
C MET A 336 -17.43 28.59 22.90
N ILE A 337 -17.10 27.98 21.77
CA ILE A 337 -18.03 27.97 20.65
C ILE A 337 -19.34 27.34 21.08
N ASN A 338 -19.26 26.18 21.72
CA ASN A 338 -20.46 25.49 22.15
C ASN A 338 -21.21 26.33 23.17
N ILE A 339 -20.48 26.98 24.06
CA ILE A 339 -21.11 27.81 25.07
C ILE A 339 -21.98 28.86 24.40
N GLY A 340 -21.42 29.56 23.43
CA GLY A 340 -22.16 30.61 22.75
C GLY A 340 -23.39 30.05 22.07
N SER A 341 -23.23 28.93 21.39
CA SER A 341 -24.34 28.32 20.69
C SER A 341 -25.46 28.00 21.67
N GLY A 342 -25.10 27.43 22.81
CA GLY A 342 -26.09 27.08 23.80
C GLY A 342 -26.84 28.30 24.29
N LEU A 343 -26.11 29.36 24.56
CA LEU A 343 -26.74 30.60 25.03
C LEU A 343 -27.73 31.09 23.98
N ALA A 344 -27.23 31.24 22.76
CA ALA A 344 -28.08 31.71 21.70
C ALA A 344 -29.28 30.82 21.62
N LEU A 345 -29.05 29.52 21.57
CA LEU A 345 -30.14 28.59 21.45
C LEU A 345 -31.13 28.86 22.54
N LEU A 346 -30.67 28.95 23.77
CA LEU A 346 -31.60 29.10 24.88
C LEU A 346 -32.49 30.31 24.67
N GLY A 347 -31.87 31.47 24.44
CA GLY A 347 -32.66 32.67 24.30
C GLY A 347 -33.66 32.53 23.17
N MET A 348 -33.21 32.08 22.00
CA MET A 348 -34.10 31.98 20.87
C MET A 348 -35.30 31.11 21.20
N ALA A 349 -35.04 29.96 21.81
CA ALA A 349 -36.11 29.04 22.14
C ALA A 349 -37.06 29.68 23.14
N THR A 350 -36.52 30.21 24.23
CA THR A 350 -37.39 30.75 25.25
C THR A 350 -38.29 31.82 24.65
N VAL A 351 -37.69 32.70 23.85
CA VAL A 351 -38.45 33.81 23.21
C VAL A 351 -39.42 33.23 22.17
N LEU A 352 -39.01 32.18 21.46
CA LEU A 352 -39.95 31.53 20.51
C LEU A 352 -41.16 31.03 21.30
N CYS A 353 -40.91 30.37 22.43
CA CYS A 353 -42.01 29.86 23.28
C CYS A 353 -42.91 31.02 23.72
N ASP A 354 -42.31 32.14 24.13
CA ASP A 354 -43.08 33.32 24.58
C ASP A 354 -44.00 33.79 23.44
N ILE A 355 -43.44 33.92 22.24
CA ILE A 355 -44.26 34.35 21.06
C ILE A 355 -45.41 33.36 20.89
N ILE A 356 -45.11 32.05 20.84
CA ILE A 356 -46.16 31.02 20.62
C ILE A 356 -47.24 31.14 21.69
N VAL A 357 -46.85 31.36 22.95
CA VAL A 357 -47.85 31.42 24.06
C VAL A 357 -48.85 32.55 23.80
N LEU A 358 -48.36 33.73 23.44
CA LEU A 358 -49.26 34.90 23.22
C LEU A 358 -50.21 34.58 22.07
N TYR A 359 -49.71 33.94 21.00
CA TYR A 359 -50.56 33.59 19.83
C TYR A 359 -51.64 32.61 20.27
N CYS A 360 -51.28 31.61 21.09
CA CYS A 360 -52.28 30.64 21.59
C CYS A 360 -53.33 31.38 22.42
N MET A 361 -52.90 32.33 23.25
CA MET A 361 -53.84 33.13 24.08
C MET A 361 -54.81 33.89 23.17
N MET B 31 -28.46 51.04 20.55
CA MET B 31 -27.41 50.04 20.67
C MET B 31 -27.66 48.85 19.78
N ASN B 32 -28.92 48.57 19.48
CA ASN B 32 -29.25 47.48 18.59
C ASN B 32 -28.37 47.60 17.37
N ARG B 33 -28.34 48.81 16.80
CA ARG B 33 -27.55 49.02 15.59
C ARG B 33 -26.10 48.62 15.80
N ALA B 34 -25.56 48.91 16.97
CA ALA B 34 -24.19 48.53 17.28
C ALA B 34 -24.04 47.02 17.29
N VAL B 35 -24.96 46.33 17.94
CA VAL B 35 -24.87 44.88 18.03
C VAL B 35 -24.94 44.26 16.65
N GLN B 36 -25.90 44.70 15.84
CA GLN B 36 -26.06 44.12 14.53
C GLN B 36 -24.78 44.32 13.74
N LEU B 37 -24.10 45.43 13.97
CA LEU B 37 -22.86 45.72 13.24
C LEU B 37 -21.77 44.72 13.58
N LEU B 38 -21.62 44.39 14.86
CA LEU B 38 -20.62 43.44 15.27
C LEU B 38 -20.86 42.11 14.57
N ILE B 39 -22.12 41.72 14.44
CA ILE B 39 -22.45 40.49 13.76
C ILE B 39 -22.05 40.59 12.31
N LEU B 40 -22.27 41.76 11.71
CA LEU B 40 -21.86 41.96 10.33
C LEU B 40 -20.37 41.76 10.22
N ALA B 41 -19.62 42.23 11.21
CA ALA B 41 -18.19 42.04 11.20
C ALA B 41 -17.85 40.57 11.21
N TYR B 42 -18.56 39.79 12.02
CA TYR B 42 -18.29 38.36 12.10
C TYR B 42 -18.47 37.69 10.76
N VAL B 43 -19.60 37.97 10.11
CA VAL B 43 -19.88 37.32 8.84
C VAL B 43 -18.89 37.74 7.75
N ILE B 44 -18.50 39.01 7.75
CA ILE B 44 -17.61 39.49 6.70
C ILE B 44 -16.15 39.15 6.95
N GLY B 45 -15.67 39.29 8.18
CA GLY B 45 -14.25 39.08 8.46
C GLY B 45 -13.83 37.67 8.81
N TRP B 46 -14.57 37.02 9.70
CA TRP B 46 -14.18 35.69 10.13
C TRP B 46 -14.60 34.63 9.16
N VAL B 47 -15.78 34.78 8.56
CA VAL B 47 -16.28 33.74 7.67
C VAL B 47 -15.79 33.87 6.24
N PHE B 48 -16.22 34.91 5.55
CA PHE B 48 -15.86 35.04 4.14
C PHE B 48 -14.37 35.29 3.91
N VAL B 49 -13.75 36.06 4.79
CA VAL B 49 -12.34 36.39 4.61
C VAL B 49 -11.43 35.40 5.32
N TRP B 50 -11.53 35.33 6.63
CA TRP B 50 -10.66 34.45 7.40
C TRP B 50 -10.89 32.99 7.07
N GLU B 51 -12.14 32.57 6.99
CA GLU B 51 -12.44 31.16 6.72
C GLU B 51 -12.68 30.89 5.25
N LYS B 52 -12.70 31.94 4.43
CA LYS B 52 -12.96 31.77 3.00
C LYS B 52 -14.22 30.96 2.77
N GLY B 53 -15.33 31.38 3.36
CA GLY B 53 -16.58 30.66 3.20
C GLY B 53 -17.09 30.69 1.77
N TYR B 54 -16.43 31.49 0.93
CA TYR B 54 -16.85 31.60 -0.47
C TYR B 54 -16.18 30.55 -1.34
N GLN B 55 -15.48 29.60 -0.74
CA GLN B 55 -14.75 28.62 -1.52
C GLN B 55 -15.28 27.22 -1.26
N GLU B 56 -15.26 26.39 -2.30
CA GLU B 56 -15.52 24.97 -2.17
C GLU B 56 -14.21 24.22 -1.99
N THR B 57 -14.21 23.20 -1.15
CA THR B 57 -13.01 22.46 -0.80
C THR B 57 -13.03 21.06 -1.38
N ASP B 58 -11.84 20.47 -1.47
CA ASP B 58 -11.68 19.12 -1.99
C ASP B 58 -10.38 18.54 -1.45
N SER B 59 -10.34 17.22 -1.33
CA SER B 59 -9.14 16.51 -0.91
C SER B 59 -8.33 16.10 -2.12
N VAL B 60 -7.14 15.56 -1.87
CA VAL B 60 -6.18 15.27 -2.91
C VAL B 60 -6.13 13.76 -3.16
N VAL B 61 -5.84 13.39 -4.41
CA VAL B 61 -5.50 12.03 -4.78
C VAL B 61 -4.06 12.06 -5.29
N SER B 62 -3.18 11.31 -4.66
CA SER B 62 -1.75 11.40 -4.92
C SER B 62 -1.17 10.06 -5.35
N SER B 63 -0.18 10.16 -6.22
CA SER B 63 0.60 8.97 -6.66
C SER B 63 2.06 9.30 -6.38
N VAL B 64 2.82 8.40 -5.76
CA VAL B 64 4.21 8.62 -5.37
C VAL B 64 5.07 7.54 -5.98
N THR B 65 6.17 7.95 -6.63
CA THR B 65 7.18 7.04 -7.14
C THR B 65 8.54 7.52 -6.67
N THR B 66 9.44 6.57 -6.41
CA THR B 66 10.73 6.88 -5.83
C THR B 66 11.84 6.17 -6.60
N LYS B 67 13.04 6.75 -6.53
CA LYS B 67 14.24 6.15 -7.11
C LYS B 67 15.44 6.53 -6.26
N VAL B 68 16.31 5.56 -5.99
CA VAL B 68 17.47 5.74 -5.14
C VAL B 68 18.72 5.55 -5.98
N LYS B 69 19.74 6.37 -5.74
CA LYS B 69 21.02 6.25 -6.39
C LYS B 69 22.14 6.23 -5.35
N GLY B 70 23.19 5.46 -5.63
CA GLY B 70 24.33 5.34 -4.75
C GLY B 70 24.89 3.93 -4.80
N VAL B 71 26.20 3.81 -4.61
CA VAL B 71 26.91 2.54 -4.65
C VAL B 71 27.80 2.42 -3.43
N ALA B 72 27.83 1.23 -2.82
CA ALA B 72 28.68 0.94 -1.68
C ALA B 72 29.62 -0.20 -2.03
N VAL B 73 30.85 -0.12 -1.54
CA VAL B 73 31.88 -1.13 -1.79
C VAL B 73 32.38 -1.65 -0.45
N THR B 74 32.43 -2.97 -0.31
CA THR B 74 32.96 -3.62 0.87
C THR B 74 33.97 -4.68 0.46
N ASN B 75 34.99 -4.87 1.29
CA ASN B 75 36.06 -5.84 1.08
C ASN B 75 36.34 -6.61 2.37
N THR B 76 35.29 -7.16 2.98
CA THR B 76 35.45 -7.97 4.17
C THR B 76 36.11 -9.31 3.81
N SER B 77 36.63 -9.99 4.83
CA SER B 77 37.36 -11.23 4.61
C SER B 77 36.42 -12.39 4.26
N LYS B 78 35.27 -12.48 4.94
CA LYS B 78 34.35 -13.58 4.70
C LYS B 78 33.66 -13.45 3.34
N LEU B 79 33.16 -12.25 3.03
CA LEU B 79 32.41 -12.02 1.80
C LEU B 79 33.29 -11.68 0.61
N GLY B 80 34.56 -11.36 0.83
CA GLY B 80 35.41 -10.94 -0.28
C GLY B 80 35.04 -9.54 -0.75
N PHE B 81 35.29 -9.29 -2.03
CA PHE B 81 35.02 -7.99 -2.63
C PHE B 81 33.59 -7.98 -3.16
N ARG B 82 32.82 -7.01 -2.68
CA ARG B 82 31.43 -6.92 -3.07
C ARG B 82 31.01 -5.53 -3.49
N ILE B 83 30.06 -5.47 -4.40
CA ILE B 83 29.51 -4.21 -4.88
C ILE B 83 28.03 -4.21 -4.54
N TRP B 84 27.55 -3.09 -3.99
CA TRP B 84 26.14 -2.94 -3.63
C TRP B 84 25.58 -1.75 -4.41
N ASP B 85 24.72 -2.04 -5.37
CA ASP B 85 24.04 -1.02 -6.18
C ASP B 85 22.54 -1.07 -5.88
N VAL B 86 21.77 -0.27 -6.62
CA VAL B 86 20.37 -0.09 -6.30
C VAL B 86 19.60 -1.39 -6.36
N ALA B 87 20.02 -2.32 -7.23
CA ALA B 87 19.36 -3.62 -7.33
C ALA B 87 19.69 -4.55 -6.17
N ASP B 88 20.64 -4.17 -5.31
CA ASP B 88 21.07 -5.01 -4.20
C ASP B 88 20.48 -4.59 -2.86
N TYR B 89 20.36 -3.30 -2.59
CA TYR B 89 19.96 -2.83 -1.26
C TYR B 89 18.53 -2.31 -1.19
N VAL B 90 17.80 -2.26 -2.30
CA VAL B 90 16.40 -1.88 -2.30
C VAL B 90 15.57 -3.14 -2.47
N ILE B 91 14.82 -3.51 -1.43
CA ILE B 91 14.03 -4.74 -1.43
C ILE B 91 12.61 -4.39 -1.02
N PRO B 92 11.60 -4.60 -1.88
CA PRO B 92 11.72 -5.05 -3.28
C PRO B 92 12.05 -3.90 -4.22
N ALA B 93 11.96 -4.15 -5.53
CA ALA B 93 12.38 -3.17 -6.52
C ALA B 93 11.55 -1.89 -6.44
N GLN B 94 10.23 -2.04 -6.31
N GLN B 94 10.23 -2.03 -6.33
CA GLN B 94 9.34 -0.88 -6.23
CA GLN B 94 9.34 -0.88 -6.22
C GLN B 94 8.18 -1.19 -5.29
C GLN B 94 8.21 -1.20 -5.25
N GLU B 95 7.74 -0.16 -4.56
CA GLU B 95 6.61 -0.30 -3.64
C GLU B 95 5.60 0.80 -3.92
N GLU B 96 4.59 0.92 -3.06
CA GLU B 96 3.60 1.98 -3.13
C GLU B 96 3.75 2.86 -1.89
N ASN B 97 4.06 4.14 -2.10
CA ASN B 97 4.20 5.13 -1.03
C ASN B 97 5.26 4.76 -0.01
N SER B 98 6.22 3.91 -0.37
CA SER B 98 7.22 3.47 0.60
C SER B 98 8.43 2.92 -0.14
N LEU B 99 9.52 2.80 0.58
CA LEU B 99 10.70 2.12 0.09
C LEU B 99 11.56 1.69 1.28
N PHE B 100 12.37 0.64 1.07
CA PHE B 100 13.28 0.12 2.08
C PHE B 100 14.70 0.13 1.55
N VAL B 101 15.64 0.62 2.36
CA VAL B 101 17.05 0.67 2.02
C VAL B 101 17.80 -0.13 3.08
N MET B 102 18.60 -1.11 2.64
CA MET B 102 19.37 -1.92 3.55
C MET B 102 20.57 -1.14 4.08
N THR B 103 20.80 -1.21 5.39
CA THR B 103 21.96 -0.58 6.01
C THR B 103 22.84 -1.56 6.77
N ASN B 104 22.32 -2.70 7.23
CA ASN B 104 23.10 -3.72 7.90
C ASN B 104 22.59 -5.08 7.44
N VAL B 105 23.46 -6.09 7.47
CA VAL B 105 23.12 -7.38 6.89
C VAL B 105 23.87 -8.48 7.63
N ILE B 106 23.24 -9.65 7.72
CA ILE B 106 23.87 -10.90 8.13
C ILE B 106 23.58 -11.94 7.06
N LEU B 107 24.61 -12.62 6.58
CA LEU B 107 24.50 -13.54 5.46
C LEU B 107 24.82 -14.97 5.89
N THR B 108 24.04 -15.93 5.38
CA THR B 108 24.28 -17.35 5.57
C THR B 108 24.24 -18.02 4.20
N MET B 109 25.42 -18.34 3.69
CA MET B 109 25.50 -18.92 2.37
C MET B 109 25.55 -20.43 2.40
N ASN B 110 25.26 -21.05 1.26
CA ASN B 110 25.23 -22.50 1.15
C ASN B 110 24.37 -23.17 2.22
N GLN B 111 23.07 -22.90 2.15
CA GLN B 111 22.09 -23.57 2.98
C GLN B 111 21.35 -24.62 2.16
N THR B 112 21.27 -25.84 2.70
CA THR B 112 20.57 -26.93 2.05
C THR B 112 19.65 -27.63 3.06
N GLN B 113 18.57 -28.20 2.55
CA GLN B 113 17.62 -28.90 3.41
C GLN B 113 18.20 -30.21 3.92
N GLY B 114 18.14 -30.41 5.24
CA GLY B 114 18.74 -31.59 5.84
C GLY B 114 18.63 -31.56 7.34
N LEU B 115 19.65 -32.10 8.00
CA LEU B 115 19.73 -32.20 9.45
C LEU B 115 21.00 -31.51 9.94
N CYS B 116 20.88 -30.74 11.02
CA CYS B 116 22.00 -29.98 11.54
C CYS B 116 21.73 -29.68 13.01
N PRO B 117 22.79 -29.40 13.79
CA PRO B 117 22.58 -28.93 15.17
C PRO B 117 22.14 -27.48 15.21
N GLU B 118 21.54 -27.12 16.33
CA GLU B 118 21.10 -25.75 16.56
C GLU B 118 22.26 -24.88 17.05
N ILE B 119 22.02 -23.58 17.09
CA ILE B 119 22.99 -22.64 17.65
C ILE B 119 23.02 -22.82 19.17
N PRO B 120 24.18 -23.01 19.78
CA PRO B 120 24.24 -23.25 21.23
C PRO B 120 23.72 -22.05 22.03
N ASP B 121 22.93 -22.34 23.05
CA ASP B 121 22.44 -21.33 23.98
C ASP B 121 21.97 -22.04 25.25
N ALA B 122 21.25 -21.31 26.10
CA ALA B 122 20.75 -21.91 27.34
C ALA B 122 19.63 -22.91 27.09
N THR B 123 19.00 -22.90 25.92
CA THR B 123 17.86 -23.75 25.64
C THR B 123 18.19 -24.96 24.78
N THR B 124 19.00 -24.79 23.75
CA THR B 124 19.25 -25.88 22.81
C THR B 124 20.34 -26.84 23.27
N VAL B 125 21.12 -26.49 24.30
CA VAL B 125 22.20 -27.34 24.74
C VAL B 125 21.63 -28.56 25.47
N CYS B 126 22.07 -29.74 25.06
CA CYS B 126 21.61 -31.00 25.62
C CYS B 126 22.80 -31.87 26.01
N LYS B 127 22.58 -32.76 26.97
CA LYS B 127 23.59 -33.72 27.37
C LYS B 127 23.36 -35.11 26.77
N SER B 128 22.12 -35.45 26.46
CA SER B 128 21.79 -36.75 25.89
C SER B 128 20.49 -36.62 25.10
N ASP B 129 20.11 -37.71 24.44
CA ASP B 129 18.88 -37.71 23.64
C ASP B 129 17.63 -37.61 24.51
N ALA B 130 17.75 -37.83 25.82
CA ALA B 130 16.59 -37.73 26.69
C ALA B 130 16.07 -36.30 26.78
N SER B 131 16.99 -35.32 26.80
CA SER B 131 16.59 -33.93 26.90
C SER B 131 15.82 -33.48 25.66
N CYS B 132 16.25 -33.91 24.49
CA CYS B 132 15.60 -33.52 23.25
C CYS B 132 14.31 -34.32 23.04
N THR B 133 13.27 -33.63 22.58
CA THR B 133 11.98 -34.25 22.29
C THR B 133 11.68 -34.10 20.81
N ALA B 134 11.34 -35.21 20.17
CA ALA B 134 11.05 -35.19 18.75
C ALA B 134 9.77 -34.41 18.48
N GLY B 135 9.77 -33.65 17.38
CA GLY B 135 8.64 -32.84 17.02
C GLY B 135 8.51 -31.53 17.76
N SER B 136 9.51 -31.17 18.57
CA SER B 136 9.47 -29.93 19.35
C SER B 136 9.72 -28.73 18.44
N ALA B 137 8.74 -28.49 17.56
CA ALA B 137 8.79 -27.39 16.61
C ALA B 137 8.12 -26.20 17.26
N GLY B 138 8.90 -25.40 17.99
CA GLY B 138 8.41 -24.22 18.63
C GLY B 138 8.28 -23.05 17.67
N THR B 139 7.82 -21.93 18.20
CA THR B 139 7.70 -20.72 17.39
C THR B 139 9.08 -20.15 17.04
N HIS B 140 10.02 -20.23 17.98
CA HIS B 140 11.36 -19.66 17.77
C HIS B 140 12.35 -20.68 17.21
N SER B 141 11.92 -21.92 16.97
CA SER B 141 12.80 -22.92 16.38
C SER B 141 12.74 -22.79 14.86
N ASN B 142 13.90 -22.61 14.24
CA ASN B 142 13.98 -22.50 12.79
C ASN B 142 13.85 -23.86 12.10
N GLY B 143 13.80 -24.95 12.86
CA GLY B 143 13.56 -26.25 12.30
C GLY B 143 12.75 -27.12 13.24
N VAL B 144 12.49 -28.36 12.86
CA VAL B 144 11.72 -29.30 13.67
C VAL B 144 12.68 -30.26 14.32
N SER B 145 12.67 -30.30 15.65
CA SER B 145 13.62 -31.12 16.40
C SER B 145 13.37 -32.60 16.15
N THR B 146 14.45 -33.35 15.96
CA THR B 146 14.36 -34.77 15.67
C THR B 146 14.56 -35.65 16.90
N GLY B 147 14.72 -35.07 18.08
CA GLY B 147 14.88 -35.83 19.29
C GLY B 147 16.27 -36.40 19.51
N ARG B 148 17.26 -35.95 18.76
CA ARG B 148 18.63 -36.43 18.88
C ARG B 148 19.53 -35.30 19.33
N CYS B 149 20.49 -35.62 20.20
CA CYS B 149 21.48 -34.67 20.69
C CYS B 149 22.77 -34.91 19.91
N VAL B 150 23.14 -33.93 19.07
CA VAL B 150 24.31 -34.04 18.22
C VAL B 150 25.30 -32.95 18.62
N ALA B 151 26.53 -33.06 18.12
CA ALA B 151 27.60 -32.16 18.50
C ALA B 151 27.64 -30.96 17.57
N PHE B 152 27.46 -29.76 18.12
CA PHE B 152 27.63 -28.54 17.34
C PHE B 152 29.09 -28.35 16.97
N ASN B 153 29.99 -28.54 17.94
CA ASN B 153 31.43 -28.57 17.69
C ASN B 153 32.04 -29.52 18.71
N GLY B 154 33.36 -29.43 18.89
CA GLY B 154 34.05 -30.37 19.76
C GLY B 154 33.63 -30.30 21.21
N SER B 155 33.30 -29.10 21.70
CA SER B 155 33.06 -28.90 23.12
C SER B 155 31.59 -28.82 23.49
N VAL B 156 30.71 -28.41 22.58
CA VAL B 156 29.30 -28.21 22.90
C VAL B 156 28.45 -29.18 22.08
N LYS B 157 27.34 -29.61 22.68
CA LYS B 157 26.37 -30.48 22.04
C LYS B 157 25.00 -29.83 22.11
N THR B 158 24.30 -29.76 20.99
CA THR B 158 22.99 -29.13 20.90
C THR B 158 22.00 -30.07 20.23
N CYS B 159 20.72 -29.76 20.39
CA CYS B 159 19.67 -30.57 19.81
C CYS B 159 19.70 -30.49 18.28
N GLU B 160 19.36 -31.60 17.64
CA GLU B 160 19.33 -31.66 16.18
C GLU B 160 17.96 -31.26 15.67
N VAL B 161 17.95 -30.50 14.56
CA VAL B 161 16.73 -30.05 13.93
C VAL B 161 16.79 -30.33 12.45
N ALA B 162 15.62 -30.37 11.81
CA ALA B 162 15.50 -30.46 10.37
C ALA B 162 15.14 -29.09 9.82
N ALA B 163 16.05 -28.49 9.08
CA ALA B 163 15.86 -27.14 8.54
C ALA B 163 16.83 -26.97 7.38
N TRP B 164 16.95 -25.74 6.91
CA TRP B 164 18.03 -25.38 6.00
C TRP B 164 19.32 -25.25 6.80
N CYS B 165 20.37 -25.94 6.35
CA CYS B 165 21.58 -26.08 7.15
C CYS B 165 22.79 -25.52 6.41
N PRO B 166 23.70 -24.83 7.11
CA PRO B 166 23.69 -24.59 8.56
C PRO B 166 22.72 -23.48 8.97
N VAL B 167 22.31 -23.49 10.24
CA VAL B 167 21.34 -22.51 10.73
C VAL B 167 22.01 -21.15 10.90
N GLU B 168 21.19 -20.11 10.87
CA GLU B 168 21.67 -18.74 10.95
C GLU B 168 22.15 -18.40 12.36
N ASP B 169 23.24 -17.65 12.44
CA ASP B 169 23.78 -17.15 13.69
C ASP B 169 23.73 -15.63 13.64
N ASP B 170 22.76 -15.04 14.35
CA ASP B 170 22.52 -13.61 14.31
C ASP B 170 22.76 -12.95 15.68
N THR B 171 23.64 -13.53 16.49
CA THR B 171 23.86 -12.99 17.83
C THR B 171 24.71 -11.72 17.80
N HIS B 172 25.54 -11.55 16.78
CA HIS B 172 26.46 -10.42 16.68
C HIS B 172 26.07 -9.57 15.47
N VAL B 173 25.25 -8.56 15.71
CA VAL B 173 24.90 -7.58 14.67
C VAL B 173 26.12 -6.72 14.38
N PRO B 174 26.53 -6.55 13.12
CA PRO B 174 27.74 -5.78 12.83
C PRO B 174 27.64 -4.34 13.29
N GLN B 175 28.74 -3.84 13.84
CA GLN B 175 28.81 -2.46 14.34
C GLN B 175 30.20 -1.91 14.09
N PRO B 176 30.36 -0.83 13.30
CA PRO B 176 29.30 -0.05 12.64
C PRO B 176 28.61 -0.80 11.51
N ALA B 177 27.56 -0.19 10.95
CA ALA B 177 26.73 -0.86 9.97
C ALA B 177 27.54 -1.30 8.77
N PHE B 178 27.14 -2.45 8.20
CA PHE B 178 27.84 -3.00 7.05
C PHE B 178 27.73 -2.09 5.84
N LEU B 179 26.57 -1.46 5.65
CA LEU B 179 26.34 -0.58 4.51
C LEU B 179 26.17 0.85 4.99
N LYS B 180 27.09 1.29 5.86
CA LYS B 180 27.04 2.64 6.41
C LYS B 180 27.25 3.71 5.35
N ALA B 181 27.72 3.33 4.16
CA ALA B 181 27.85 4.30 3.07
C ALA B 181 26.50 4.77 2.53
N ALA B 182 25.42 4.12 2.94
CA ALA B 182 24.08 4.52 2.51
C ALA B 182 23.69 5.90 3.02
N GLU B 183 24.45 6.45 3.97
CA GLU B 183 24.19 7.81 4.45
C GLU B 183 24.29 8.83 3.34
N ASN B 184 25.08 8.55 2.30
CA ASN B 184 25.32 9.48 1.22
C ASN B 184 24.51 9.16 -0.02
N PHE B 185 23.56 8.23 0.06
CA PHE B 185 22.68 7.95 -1.06
C PHE B 185 21.66 9.07 -1.21
N THR B 186 21.13 9.21 -2.42
CA THR B 186 20.13 10.24 -2.71
C THR B 186 18.83 9.60 -3.18
N LEU B 187 17.72 10.23 -2.85
CA LEU B 187 16.39 9.72 -3.15
C LEU B 187 15.60 10.77 -3.90
N LEU B 188 15.01 10.37 -5.03
CA LEU B 188 14.13 11.24 -5.79
C LEU B 188 12.69 10.85 -5.53
N VAL B 189 11.87 11.83 -5.16
CA VAL B 189 10.45 11.63 -4.90
C VAL B 189 9.66 12.33 -5.98
N LYS B 190 8.85 11.57 -6.71
CA LYS B 190 7.96 12.10 -7.74
C LYS B 190 6.52 11.96 -7.25
N ASN B 191 5.85 13.08 -7.01
CA ASN B 191 4.51 13.09 -6.46
C ASN B 191 3.58 13.75 -7.46
N ASN B 192 2.57 13.01 -7.90
CA ASN B 192 1.55 13.51 -8.81
C ASN B 192 0.25 13.65 -8.02
N ILE B 193 -0.31 14.86 -7.98
CA ILE B 193 -1.51 15.14 -7.22
C ILE B 193 -2.64 15.51 -8.18
N TRP B 194 -3.86 15.16 -7.79
CA TRP B 194 -5.04 15.42 -8.61
C TRP B 194 -6.21 15.79 -7.72
N TYR B 195 -6.90 16.87 -8.05
CA TYR B 195 -8.12 17.25 -7.36
C TYR B 195 -9.30 16.91 -8.25
N PRO B 196 -10.03 15.84 -7.99
CA PRO B 196 -11.08 15.41 -8.95
C PRO B 196 -12.19 16.42 -9.13
N LYS B 197 -12.42 17.30 -8.15
CA LYS B 197 -13.55 18.21 -8.22
C LYS B 197 -13.28 19.37 -9.16
N PHE B 198 -12.04 19.86 -9.22
CA PHE B 198 -11.74 21.10 -9.91
C PHE B 198 -11.00 20.93 -11.23
N ASN B 199 -10.74 19.71 -11.69
CA ASN B 199 -9.91 19.53 -12.89
C ASN B 199 -8.55 20.24 -12.76
N PHE B 200 -7.80 19.83 -11.74
CA PHE B 200 -6.48 20.40 -11.50
C PHE B 200 -5.52 19.28 -11.14
N SER B 201 -4.43 19.15 -11.88
CA SER B 201 -3.39 18.17 -11.59
C SER B 201 -2.03 18.79 -11.85
N LYS B 202 -1.05 18.39 -11.04
CA LYS B 202 0.33 18.83 -11.21
C LYS B 202 1.23 17.89 -10.42
N ARG B 203 2.53 18.10 -10.56
CA ARG B 203 3.49 17.27 -9.86
C ARG B 203 4.45 18.13 -9.05
N ASN B 204 5.19 17.51 -8.16
CA ASN B 204 6.12 18.25 -7.29
C ASN B 204 7.39 18.66 -8.02
N ILE B 205 7.65 18.11 -9.21
CA ILE B 205 8.72 18.58 -10.07
C ILE B 205 8.16 19.76 -10.86
N LEU B 206 8.54 20.97 -10.46
CA LEU B 206 7.91 22.17 -10.97
C LEU B 206 8.25 22.39 -12.45
N PRO B 207 7.38 23.08 -13.19
CA PRO B 207 7.67 23.35 -14.61
C PRO B 207 8.90 24.20 -14.87
N ASN B 208 9.40 24.93 -13.88
CA ASN B 208 10.60 25.75 -14.05
C ASN B 208 11.86 25.03 -13.62
N ILE B 209 11.76 23.73 -13.35
CA ILE B 209 12.91 22.88 -13.08
C ILE B 209 13.38 22.24 -14.37
N THR B 210 14.67 22.35 -14.66
CA THR B 210 15.28 21.80 -15.87
C THR B 210 16.05 20.52 -15.56
N THR B 211 16.47 19.84 -16.62
CA THR B 211 17.26 18.62 -16.46
C THR B 211 18.64 18.92 -15.88
N THR B 212 19.25 20.02 -16.31
CA THR B 212 20.56 20.40 -15.78
C THR B 212 20.50 20.65 -14.29
N TYR B 213 19.45 21.33 -13.84
CA TYR B 213 19.28 21.57 -12.40
C TYR B 213 18.99 20.27 -11.66
N LEU B 214 18.11 19.42 -12.21
CA LEU B 214 17.74 18.18 -11.54
C LEU B 214 18.90 17.20 -11.47
N LYS B 215 19.90 17.33 -12.34
CA LYS B 215 21.01 16.38 -12.33
C LYS B 215 21.93 16.57 -11.13
N SER B 216 21.95 17.76 -10.53
CA SER B 216 22.95 18.05 -9.50
C SER B 216 22.38 18.85 -8.33
N CYS B 217 21.10 18.67 -8.00
CA CYS B 217 20.49 19.41 -6.91
C CYS B 217 20.26 18.50 -5.70
N ILE B 218 20.44 19.06 -4.51
CA ILE B 218 20.15 18.40 -3.24
C ILE B 218 19.23 19.31 -2.45
N TYR B 219 18.16 18.74 -1.88
CA TYR B 219 17.17 19.53 -1.18
C TYR B 219 17.78 20.24 0.04
N ASP B 220 17.38 21.49 0.23
CA ASP B 220 17.71 22.26 1.41
C ASP B 220 16.57 23.25 1.64
N ALA B 221 16.18 23.42 2.91
CA ALA B 221 15.00 24.23 3.20
C ALA B 221 15.18 25.68 2.80
N LYS B 222 16.41 26.17 2.77
CA LYS B 222 16.70 27.58 2.46
C LYS B 222 17.21 27.79 1.05
N THR B 223 18.12 26.93 0.56
CA THR B 223 18.76 27.17 -0.72
C THR B 223 18.00 26.53 -1.87
N ASP B 224 17.57 25.28 -1.72
CA ASP B 224 16.84 24.55 -2.76
C ASP B 224 15.57 23.95 -2.17
N PRO B 225 14.56 24.79 -1.89
CA PRO B 225 13.35 24.29 -1.24
C PRO B 225 12.45 23.46 -2.15
N PHE B 226 12.73 23.40 -3.45
CA PHE B 226 11.87 22.67 -4.38
C PHE B 226 12.63 21.64 -5.22
N CYS B 227 13.86 21.31 -4.84
CA CYS B 227 14.54 20.18 -5.46
C CYS B 227 13.99 18.89 -4.87
N PRO B 228 13.46 17.98 -5.69
CA PRO B 228 12.82 16.79 -5.14
C PRO B 228 13.77 15.64 -4.83
N ILE B 229 15.06 15.94 -4.72
CA ILE B 229 16.09 14.94 -4.44
C ILE B 229 16.63 15.19 -3.04
N PHE B 230 16.51 14.18 -2.18
CA PHE B 230 16.93 14.27 -0.79
C PHE B 230 18.07 13.29 -0.52
N ARG B 231 18.99 13.69 0.35
CA ARG B 231 20.04 12.80 0.83
C ARG B 231 19.58 12.12 2.11
N LEU B 232 19.81 10.81 2.21
CA LEU B 232 19.23 10.01 3.29
C LEU B 232 19.76 10.45 4.65
N GLY B 233 21.07 10.67 4.75
CA GLY B 233 21.64 11.15 5.99
C GLY B 233 21.06 12.50 6.40
N LYS B 234 20.87 13.38 5.43
CA LYS B 234 20.25 14.67 5.71
C LYS B 234 18.79 14.52 6.11
N ILE B 235 18.08 13.54 5.53
CA ILE B 235 16.70 13.26 5.95
C ILE B 235 16.66 12.88 7.41
N VAL B 236 17.55 11.97 7.82
CA VAL B 236 17.55 11.51 9.20
C VAL B 236 17.99 12.63 10.15
N GLU B 237 18.96 13.44 9.72
CA GLU B 237 19.45 14.53 10.55
C GLU B 237 18.39 15.62 10.73
N ASN B 238 17.64 15.94 9.69
CA ASN B 238 16.60 16.94 9.79
C ASN B 238 15.45 16.51 10.70
N ALA B 239 15.33 15.23 10.97
CA ALA B 239 14.35 14.72 11.92
C ALA B 239 14.85 14.75 13.35
N GLY B 240 16.10 15.15 13.59
CA GLY B 240 16.64 15.22 14.93
C GLY B 240 17.36 14.00 15.40
N HIS B 241 17.85 13.17 14.48
CA HIS B 241 18.51 11.91 14.84
C HIS B 241 19.81 11.78 14.09
N SER B 242 20.50 10.66 14.32
CA SER B 242 21.80 10.37 13.71
C SER B 242 21.66 9.15 12.80
N PHE B 243 22.18 9.26 11.58
CA PHE B 243 22.02 8.17 10.62
C PHE B 243 22.83 6.95 11.04
N GLN B 244 24.03 7.14 11.56
CA GLN B 244 24.89 6.00 11.89
C GLN B 244 24.34 5.20 13.06
N ASP B 245 23.74 5.89 14.05
CA ASP B 245 23.09 5.18 15.14
C ASP B 245 21.89 4.38 14.65
N MET B 246 21.09 4.97 13.78
CA MET B 246 19.88 4.32 13.28
C MET B 246 20.17 3.22 12.27
N ALA B 247 21.35 3.23 11.64
CA ALA B 247 21.65 2.28 10.58
C ALA B 247 22.04 0.91 11.10
N VAL B 248 22.39 0.79 12.38
CA VAL B 248 22.82 -0.50 12.91
C VAL B 248 21.64 -1.47 13.01
N GLU B 249 20.49 -0.98 13.46
CA GLU B 249 19.31 -1.83 13.61
C GLU B 249 18.12 -1.41 12.75
N GLY B 250 18.14 -0.23 12.17
CA GLY B 250 17.07 0.20 11.30
C GLY B 250 15.99 0.99 12.01
N GLY B 251 14.96 1.33 11.24
CA GLY B 251 13.85 2.10 11.78
C GLY B 251 12.89 2.49 10.68
N ILE B 252 11.97 3.39 11.03
CA ILE B 252 10.97 3.92 10.11
C ILE B 252 11.11 5.43 10.09
N MET B 253 11.21 6.00 8.88
CA MET B 253 11.31 7.48 8.75
C MET B 253 10.13 7.96 7.90
N GLY B 254 9.48 9.05 8.31
CA GLY B 254 8.29 9.53 7.59
C GLY B 254 8.55 10.83 6.84
N ILE B 255 8.41 10.82 5.51
CA ILE B 255 8.57 12.07 4.72
C ILE B 255 7.17 12.65 4.47
N GLN B 256 6.89 13.84 5.01
CA GLN B 256 5.53 14.42 4.90
C GLN B 256 5.49 15.48 3.80
N VAL B 257 4.62 15.29 2.79
CA VAL B 257 4.47 16.29 1.70
C VAL B 257 3.14 17.04 1.92
N ASN B 258 3.17 18.37 1.90
CA ASN B 258 1.93 19.14 2.20
C ASN B 258 1.58 20.06 1.03
N TRP B 259 0.34 19.96 0.51
CA TRP B 259 -0.11 20.84 -0.54
C TRP B 259 -1.21 21.73 0.02
N ASP B 260 -1.00 23.04 -0.07
CA ASP B 260 -1.96 24.04 0.40
C ASP B 260 -2.17 25.01 -0.75
N CYS B 261 -3.08 24.68 -1.65
CA CYS B 261 -3.26 25.41 -2.91
C CYS B 261 -4.60 26.13 -2.91
N ASN B 262 -4.57 27.41 -3.27
CA ASN B 262 -5.76 28.22 -3.46
C ASN B 262 -5.93 28.39 -4.97
N LEU B 263 -6.92 27.71 -5.54
CA LEU B 263 -7.05 27.66 -6.99
C LEU B 263 -7.55 28.97 -7.60
N ASP B 264 -7.99 29.92 -6.78
CA ASP B 264 -8.30 31.25 -7.32
C ASP B 264 -7.04 31.97 -7.78
N ARG B 265 -5.90 31.64 -7.18
CA ARG B 265 -4.63 32.24 -7.56
C ARG B 265 -4.08 31.56 -8.81
N ALA B 266 -2.85 31.91 -9.17
CA ALA B 266 -2.20 31.25 -10.30
C ALA B 266 -1.85 29.82 -9.95
N ALA B 267 -1.77 28.97 -10.98
CA ALA B 267 -1.44 27.56 -10.77
C ALA B 267 0.01 27.37 -10.35
N SER B 268 0.88 28.34 -10.62
CA SER B 268 2.29 28.21 -10.25
C SER B 268 2.51 28.44 -8.76
N LEU B 269 1.49 28.88 -8.03
CA LEU B 269 1.62 29.12 -6.60
C LEU B 269 1.20 27.92 -5.74
N CYS B 270 0.71 26.86 -6.37
CA CYS B 270 0.39 25.61 -5.65
C CYS B 270 1.68 24.82 -5.52
N LEU B 271 2.30 24.89 -4.33
CA LEU B 271 3.63 24.37 -4.11
C LEU B 271 3.65 23.43 -2.91
N PRO B 272 4.53 22.44 -2.91
CA PRO B 272 4.62 21.50 -1.79
C PRO B 272 5.62 21.92 -0.72
N ARG B 273 5.36 21.47 0.50
CA ARG B 273 6.23 21.69 1.65
C ARG B 273 6.61 20.35 2.24
N TYR B 274 7.88 20.23 2.64
CA TYR B 274 8.43 18.96 3.11
C TYR B 274 8.82 19.03 4.57
N SER B 275 8.50 17.98 5.32
CA SER B 275 8.93 17.82 6.70
C SER B 275 9.21 16.35 6.96
N PHE B 276 10.01 16.09 7.99
CA PHE B 276 10.50 14.74 8.27
C PHE B 276 10.29 14.41 9.75
N ARG B 277 10.00 13.13 10.01
CA ARG B 277 9.80 12.67 11.38
C ARG B 277 10.08 11.18 11.47
N ARG B 278 10.73 10.77 12.55
CA ARG B 278 10.93 9.36 12.82
C ARG B 278 9.64 8.74 13.36
N LEU B 279 9.23 7.62 12.77
CA LEU B 279 7.93 7.04 13.04
C LEU B 279 7.94 5.88 14.03
N ASP B 280 9.07 5.19 14.20
CA ASP B 280 9.12 4.03 15.08
C ASP B 280 9.47 4.48 16.50
N THR B 281 8.65 4.09 17.46
CA THR B 281 8.88 4.44 18.85
C THR B 281 9.90 3.51 19.48
N ARG B 282 10.87 4.09 20.17
CA ARG B 282 11.99 3.36 20.75
C ARG B 282 11.78 3.17 22.24
N ASP B 283 12.09 1.98 22.73
CA ASP B 283 12.06 1.69 24.17
C ASP B 283 13.48 1.72 24.72
N VAL B 284 13.69 2.54 25.75
CA VAL B 284 15.00 2.63 26.38
C VAL B 284 15.02 2.00 27.77
N GLU B 285 13.87 1.82 28.42
CA GLU B 285 13.84 1.18 29.72
C GLU B 285 14.06 -0.33 29.61
N HIS B 286 13.42 -0.97 28.61
CA HIS B 286 13.55 -2.41 28.41
C HIS B 286 14.18 -2.79 27.08
N ASN B 287 14.10 -1.92 26.06
CA ASN B 287 14.65 -2.19 24.74
C ASN B 287 14.01 -3.43 24.12
N VAL B 288 12.69 -3.37 23.98
CA VAL B 288 11.90 -4.49 23.47
C VAL B 288 11.60 -4.22 21.99
N SER B 289 12.03 -5.14 21.13
CA SER B 289 11.78 -5.09 19.70
C SER B 289 12.25 -3.76 19.07
N PRO B 290 13.55 -3.53 19.01
CA PRO B 290 14.06 -2.29 18.42
C PRO B 290 14.30 -2.40 16.91
N GLY B 291 14.37 -1.24 16.27
CA GLY B 291 14.73 -1.18 14.88
C GLY B 291 13.69 -1.75 13.94
N TYR B 292 14.17 -2.37 12.86
CA TYR B 292 13.31 -2.96 11.84
C TYR B 292 14.15 -3.89 10.98
N ASN B 293 13.68 -5.13 10.81
CA ASN B 293 14.42 -6.12 10.04
C ASN B 293 13.47 -7.18 9.50
N PHE B 294 13.94 -7.93 8.51
CA PHE B 294 13.22 -9.06 7.94
C PHE B 294 14.22 -9.99 7.28
N ARG B 295 13.72 -11.13 6.81
CA ARG B 295 14.56 -12.17 6.20
C ARG B 295 14.05 -12.49 4.80
N PHE B 296 14.99 -12.68 3.88
CA PHE B 296 14.67 -13.13 2.53
C PHE B 296 15.85 -13.93 2.00
N ALA B 297 15.60 -14.69 0.94
CA ALA B 297 16.58 -15.65 0.43
C ALA B 297 16.72 -15.53 -1.08
N LYS B 298 17.90 -15.94 -1.56
CA LYS B 298 18.19 -16.09 -2.98
C LYS B 298 18.46 -17.56 -3.25
N TYR B 299 17.75 -18.12 -4.23
CA TYR B 299 17.74 -19.56 -4.45
C TYR B 299 18.60 -19.95 -5.65
N TYR B 300 19.32 -21.05 -5.52
CA TYR B 300 20.16 -21.58 -6.58
C TYR B 300 19.93 -23.09 -6.69
N ARG B 301 20.58 -23.68 -7.68
CA ARG B 301 20.58 -25.12 -7.90
C ARG B 301 22.00 -25.57 -8.18
N ASP B 302 22.30 -26.83 -7.86
CA ASP B 302 23.59 -27.40 -8.18
C ASP B 302 23.50 -28.19 -9.49
N LEU B 303 24.57 -28.91 -9.83
CA LEU B 303 24.54 -29.75 -11.03
C LEU B 303 23.60 -30.92 -10.88
N ALA B 304 23.42 -31.42 -9.66
CA ALA B 304 22.54 -32.56 -9.42
C ALA B 304 21.08 -32.16 -9.30
N GLY B 305 20.78 -30.86 -9.23
CA GLY B 305 19.40 -30.40 -9.15
C GLY B 305 18.88 -30.15 -7.76
N ASN B 306 19.73 -30.20 -6.74
CA ASN B 306 19.30 -29.94 -5.37
C ASN B 306 19.16 -28.44 -5.13
N GLU B 307 18.16 -28.08 -4.36
CA GLU B 307 17.93 -26.69 -4.04
C GLU B 307 18.93 -26.15 -3.05
N GLN B 308 19.42 -24.95 -3.29
CA GLN B 308 20.39 -24.31 -2.42
C GLN B 308 19.98 -22.84 -2.29
N ARG B 309 20.36 -22.22 -1.17
CA ARG B 309 19.93 -20.85 -0.96
C ARG B 309 20.92 -20.09 -0.11
N THR B 310 20.85 -18.77 -0.20
CA THR B 310 21.55 -17.85 0.69
C THR B 310 20.50 -17.11 1.52
N LEU B 311 20.61 -17.23 2.84
CA LEU B 311 19.68 -16.56 3.74
C LEU B 311 20.23 -15.19 4.12
N ILE B 312 19.38 -14.17 4.03
CA ILE B 312 19.77 -12.79 4.26
C ILE B 312 18.86 -12.21 5.33
N LYS B 313 19.47 -11.77 6.45
CA LYS B 313 18.72 -10.99 7.47
C LYS B 313 19.08 -9.53 7.21
N ALA B 314 18.10 -8.70 6.86
CA ALA B 314 18.31 -7.33 6.42
C ALA B 314 17.82 -6.35 7.47
N TYR B 315 18.72 -5.49 7.93
CA TYR B 315 18.37 -4.33 8.74
C TYR B 315 18.41 -3.09 7.86
N GLY B 316 17.51 -2.16 8.09
CA GLY B 316 17.51 -0.96 7.28
C GLY B 316 16.38 -0.03 7.66
N ILE B 317 16.30 1.07 6.94
CA ILE B 317 15.34 2.13 7.22
C ILE B 317 14.27 2.10 6.13
N ARG B 318 13.01 2.14 6.57
CA ARG B 318 11.88 2.24 5.65
C ARG B 318 11.43 3.69 5.57
N PHE B 319 11.30 4.21 4.36
CA PHE B 319 10.91 5.59 4.13
C PHE B 319 9.47 5.62 3.64
N ASP B 320 8.57 6.13 4.48
CA ASP B 320 7.17 6.26 4.13
C ASP B 320 6.88 7.68 3.66
N ILE B 321 6.18 7.81 2.54
CA ILE B 321 5.81 9.10 1.99
C ILE B 321 4.35 9.36 2.30
N ILE B 322 4.08 10.42 3.04
CA ILE B 322 2.74 10.76 3.49
C ILE B 322 2.37 12.10 2.86
N VAL B 323 1.28 12.14 2.11
CA VAL B 323 0.89 13.31 1.34
C VAL B 323 -0.45 13.81 1.87
N PHE B 324 -0.50 15.08 2.27
CA PHE B 324 -1.71 15.76 2.67
C PHE B 324 -1.95 16.93 1.73
N GLY B 325 -3.20 17.16 1.36
CA GLY B 325 -3.51 18.28 0.50
C GLY B 325 -4.98 18.58 0.35
N LYS B 326 -5.32 19.86 0.40
CA LYS B 326 -6.68 20.31 0.21
C LYS B 326 -6.65 21.54 -0.68
N ALA B 327 -7.64 21.69 -1.56
CA ALA B 327 -7.69 22.83 -2.47
C ALA B 327 -8.95 23.64 -2.23
N GLY B 328 -8.90 24.90 -2.61
CA GLY B 328 -10.05 25.77 -2.49
C GLY B 328 -10.28 26.61 -3.72
N LYS B 329 -11.51 26.61 -4.23
CA LYS B 329 -11.87 27.38 -5.40
C LYS B 329 -13.19 28.08 -5.14
N PHE B 330 -13.34 29.29 -5.67
CA PHE B 330 -14.53 30.09 -5.43
C PHE B 330 -15.77 29.40 -5.99
N ASP B 331 -16.83 29.36 -5.20
CA ASP B 331 -18.10 28.79 -5.61
C ASP B 331 -19.23 29.61 -5.02
N ILE B 332 -20.30 29.80 -5.79
CA ILE B 332 -21.36 30.72 -5.41
C ILE B 332 -22.22 30.14 -4.28
N ILE B 333 -22.42 28.82 -4.31
CA ILE B 333 -23.26 28.18 -3.32
C ILE B 333 -22.79 28.45 -1.89
N PRO B 334 -21.54 28.08 -1.57
CA PRO B 334 -21.10 28.26 -0.18
C PRO B 334 -21.25 29.72 0.22
N THR B 335 -20.91 30.62 -0.69
CA THR B 335 -21.00 32.04 -0.40
C THR B 335 -22.41 32.39 0.02
N MET B 336 -23.39 32.02 -0.80
CA MET B 336 -24.78 32.36 -0.51
C MET B 336 -25.24 31.76 0.81
N ILE B 337 -24.87 30.50 1.04
CA ILE B 337 -25.28 29.84 2.26
C ILE B 337 -24.82 30.63 3.47
N ASN B 338 -23.55 31.01 3.47
CA ASN B 338 -23.01 31.76 4.60
C ASN B 338 -23.72 33.09 4.73
N ILE B 339 -24.00 33.73 3.60
CA ILE B 339 -24.68 35.01 3.62
C ILE B 339 -26.00 34.89 4.36
N GLY B 340 -26.78 33.89 3.99
CA GLY B 340 -28.08 33.71 4.62
C GLY B 340 -27.93 33.46 6.11
N SER B 341 -26.99 32.62 6.49
CA SER B 341 -26.79 32.31 7.89
C SER B 341 -26.45 33.58 8.65
N GLY B 342 -25.58 34.41 8.09
CA GLY B 342 -25.19 35.63 8.75
C GLY B 342 -26.38 36.54 8.95
N LEU B 343 -27.21 36.67 7.92
CA LEU B 343 -28.39 37.51 8.03
C LEU B 343 -29.28 37.01 9.14
N ALA B 344 -29.62 35.73 9.06
CA ALA B 344 -30.48 35.14 10.07
C ALA B 344 -29.87 35.41 11.41
N LEU B 345 -28.59 35.07 11.54
CA LEU B 345 -27.94 35.23 12.82
C LEU B 345 -28.13 36.65 13.28
N LEU B 346 -27.84 37.61 12.43
CA LEU B 346 -27.91 39.00 12.86
C LEU B 346 -29.27 39.32 13.42
N GLY B 347 -30.32 39.06 12.65
CA GLY B 347 -31.65 39.40 13.10
C GLY B 347 -31.96 38.73 14.43
N MET B 348 -31.70 37.42 14.51
CA MET B 348 -32.05 36.70 15.73
C MET B 348 -31.35 37.34 16.92
N ALA B 349 -30.07 37.62 16.78
CA ALA B 349 -29.32 38.20 17.88
C ALA B 349 -29.87 39.56 18.25
N THR B 350 -30.02 40.43 17.26
CA THR B 350 -30.46 41.77 17.57
C THR B 350 -31.80 41.72 18.30
N VAL B 351 -32.71 40.90 17.80
CA VAL B 351 -34.06 40.76 18.42
C VAL B 351 -33.92 40.10 19.80
N LEU B 352 -33.02 39.12 19.93
CA LEU B 352 -32.78 38.52 21.27
C LEU B 352 -32.35 39.63 22.23
N CYS B 353 -31.41 40.47 21.79
CA CYS B 353 -30.92 41.59 22.65
C CYS B 353 -32.10 42.50 23.01
N ASP B 354 -32.96 42.82 22.04
CA ASP B 354 -34.13 43.69 22.28
C ASP B 354 -35.01 43.08 23.38
N ILE B 355 -35.31 41.78 23.24
CA ILE B 355 -36.15 41.07 24.27
C ILE B 355 -35.45 41.21 25.62
N ILE B 356 -34.16 40.87 25.70
CA ILE B 356 -33.43 40.90 27.00
C ILE B 356 -33.50 42.31 27.59
N VAL B 357 -33.34 43.34 26.75
CA VAL B 357 -33.32 44.74 27.27
C VAL B 357 -34.63 45.06 27.97
N LEU B 358 -35.77 44.72 27.35
CA LEU B 358 -37.09 45.02 27.94
C LEU B 358 -37.23 44.28 29.28
N TYR B 359 -36.78 43.02 29.34
CA TYR B 359 -36.87 42.22 30.58
C TYR B 359 -36.04 42.89 31.68
N CYS B 360 -34.83 43.35 31.33
CA CYS B 360 -33.97 44.05 32.33
C CYS B 360 -34.68 45.32 32.80
N MET B 361 -35.31 46.05 31.89
CA MET B 361 -36.06 47.28 32.27
C MET B 361 -37.17 46.92 33.25
N MET C 31 -49.27 37.09 5.83
CA MET C 31 -48.10 36.65 5.08
C MET C 31 -47.21 35.76 5.92
N ASN C 32 -47.25 35.92 7.23
CA ASN C 32 -46.48 35.07 8.11
C ASN C 32 -46.71 33.63 7.69
N ARG C 33 -47.99 33.27 7.53
CA ARG C 33 -48.33 31.90 7.17
C ARG C 33 -47.62 31.50 5.89
N ALA C 34 -47.53 32.41 4.93
CA ALA C 34 -46.84 32.11 3.69
C ALA C 34 -45.37 31.84 3.94
N VAL C 35 -44.73 32.69 4.74
CA VAL C 35 -43.31 32.51 4.99
C VAL C 35 -43.04 31.19 5.68
N GLN C 36 -43.83 30.88 6.71
CA GLN C 36 -43.61 29.65 7.44
C GLN C 36 -43.75 28.47 6.48
N LEU C 37 -44.63 28.59 5.50
CA LEU C 37 -44.84 27.50 4.56
C LEU C 37 -43.60 27.25 3.70
N LEU C 38 -42.97 28.32 3.23
CA LEU C 38 -41.78 28.17 2.43
C LEU C 38 -40.71 27.42 3.22
N ILE C 39 -40.61 27.73 4.51
CA ILE C 39 -39.65 27.06 5.35
C ILE C 39 -40.02 25.58 5.45
N LEU C 40 -41.31 25.30 5.54
CA LEU C 40 -41.74 23.91 5.59
C LEU C 40 -41.30 23.21 4.33
N ALA C 41 -41.38 23.90 3.20
CA ALA C 41 -40.93 23.32 1.94
C ALA C 41 -39.46 22.98 2.01
N TYR C 42 -38.67 23.88 2.59
CA TYR C 42 -37.23 23.64 2.68
C TYR C 42 -36.93 22.39 3.47
N VAL C 43 -37.56 22.26 4.63
CA VAL C 43 -37.27 21.11 5.48
C VAL C 43 -37.74 19.81 4.84
N ILE C 44 -38.90 19.84 4.16
CA ILE C 44 -39.43 18.62 3.57
C ILE C 44 -38.77 18.24 2.25
N GLY C 45 -38.54 19.21 1.38
CA GLY C 45 -38.01 18.89 0.05
C GLY C 45 -36.51 18.85 -0.09
N TRP C 46 -35.82 19.84 0.46
CA TRP C 46 -34.38 19.90 0.30
C TRP C 46 -33.66 19.01 1.28
N VAL C 47 -34.17 18.92 2.51
CA VAL C 47 -33.47 18.15 3.53
C VAL C 47 -33.83 16.68 3.53
N PHE C 48 -35.07 16.35 3.88
CA PHE C 48 -35.46 14.96 3.99
C PHE C 48 -35.47 14.22 2.65
N VAL C 49 -35.88 14.90 1.59
CA VAL C 49 -35.98 14.25 0.30
C VAL C 49 -34.70 14.41 -0.52
N TRP C 50 -34.35 15.64 -0.85
CA TRP C 50 -33.17 15.88 -1.67
C TRP C 50 -31.89 15.45 -0.97
N GLU C 51 -31.75 15.79 0.30
CA GLU C 51 -30.51 15.46 1.03
C GLU C 51 -30.64 14.16 1.80
N LYS C 52 -31.83 13.58 1.82
CA LYS C 52 -32.05 12.34 2.58
C LYS C 52 -31.55 12.48 4.01
N GLY C 53 -32.03 13.51 4.71
CA GLY C 53 -31.62 13.72 6.08
C GLY C 53 -32.08 12.61 7.01
N TYR C 54 -32.91 11.72 6.49
CA TYR C 54 -33.41 10.61 7.30
C TYR C 54 -32.49 9.41 7.27
N GLN C 55 -31.31 9.55 6.67
CA GLN C 55 -30.42 8.42 6.53
C GLN C 55 -29.12 8.65 7.29
N GLU C 56 -28.56 7.56 7.82
CA GLU C 56 -27.22 7.58 8.38
C GLU C 56 -26.23 7.13 7.31
N THR C 57 -25.06 7.75 7.31
CA THR C 57 -24.06 7.51 6.29
C THR C 57 -22.85 6.79 6.86
N ASP C 58 -22.08 6.16 5.97
CA ASP C 58 -20.89 5.43 6.34
C ASP C 58 -19.97 5.35 5.13
N SER C 59 -18.67 5.24 5.39
CA SER C 59 -17.66 5.07 4.35
C SER C 59 -17.40 3.58 4.13
N VAL C 60 -16.62 3.30 3.09
CA VAL C 60 -16.39 1.93 2.65
C VAL C 60 -15.01 1.47 3.07
N VAL C 61 -14.89 0.17 3.31
CA VAL C 61 -13.61 -0.52 3.49
C VAL C 61 -13.50 -1.52 2.35
N SER C 62 -12.46 -1.38 1.53
CA SER C 62 -12.35 -2.14 0.30
C SER C 62 -11.06 -2.96 0.26
N SER C 63 -11.16 -4.13 -0.37
CA SER C 63 -9.99 -4.98 -0.62
C SER C 63 -9.98 -5.24 -2.13
N VAL C 64 -8.83 -5.09 -2.79
CA VAL C 64 -8.70 -5.23 -4.23
C VAL C 64 -7.64 -6.27 -4.54
N THR C 65 -7.97 -7.22 -5.43
CA THR C 65 -7.03 -8.20 -5.93
C THR C 65 -7.13 -8.21 -7.45
N THR C 66 -5.99 -8.46 -8.11
CA THR C 66 -5.91 -8.37 -9.56
C THR C 66 -5.22 -9.60 -10.12
N LYS C 67 -5.52 -9.91 -11.38
CA LYS C 67 -4.87 -10.98 -12.12
C LYS C 67 -4.81 -10.60 -13.59
N VAL C 68 -3.66 -10.81 -14.21
CA VAL C 68 -3.42 -10.46 -15.61
C VAL C 68 -3.20 -11.73 -16.41
N LYS C 69 -3.74 -11.76 -17.62
CA LYS C 69 -3.54 -12.88 -18.55
C LYS C 69 -3.07 -12.34 -19.89
N GLY C 70 -2.21 -13.11 -20.55
CA GLY C 70 -1.67 -12.75 -21.85
C GLY C 70 -0.24 -13.22 -21.97
N VAL C 71 0.16 -13.56 -23.21
CA VAL C 71 1.50 -14.06 -23.50
C VAL C 71 2.06 -13.29 -24.69
N ALA C 72 3.34 -12.93 -24.61
CA ALA C 72 4.04 -12.25 -25.69
C ALA C 72 5.23 -13.09 -26.13
N VAL C 73 5.49 -13.10 -27.44
CA VAL C 73 6.59 -13.86 -28.03
C VAL C 73 7.48 -12.90 -28.79
N THR C 74 8.79 -12.99 -28.54
CA THR C 74 9.79 -12.20 -29.24
C THR C 74 10.89 -13.13 -29.76
N ASN C 75 11.44 -12.77 -30.92
CA ASN C 75 12.53 -13.52 -31.56
C ASN C 75 13.61 -12.56 -32.05
N THR C 76 14.08 -11.68 -31.15
CA THR C 76 15.16 -10.78 -31.50
C THR C 76 16.48 -11.55 -31.62
N SER C 77 17.45 -10.91 -32.27
CA SER C 77 18.73 -11.58 -32.52
C SER C 77 19.58 -11.71 -31.26
N LYS C 78 19.62 -10.67 -30.43
CA LYS C 78 20.44 -10.71 -29.22
C LYS C 78 19.87 -11.67 -28.19
N LEU C 79 18.57 -11.58 -27.93
CA LEU C 79 17.91 -12.38 -26.90
C LEU C 79 17.49 -13.76 -27.39
N GLY C 80 17.47 -13.99 -28.70
CA GLY C 80 16.97 -15.26 -29.20
C GLY C 80 15.46 -15.34 -29.08
N PHE C 81 14.96 -16.57 -28.94
CA PHE C 81 13.53 -16.83 -28.82
C PHE C 81 13.13 -16.77 -27.36
N ARG C 82 12.18 -15.90 -27.07
CA ARG C 82 11.74 -15.72 -25.70
C ARG C 82 10.24 -15.74 -25.53
N ILE C 83 9.80 -16.20 -24.38
CA ILE C 83 8.38 -16.25 -24.04
C ILE C 83 8.18 -15.36 -22.82
N TRP C 84 7.15 -14.52 -22.85
CA TRP C 84 6.82 -13.65 -21.73
C TRP C 84 5.41 -13.96 -21.28
N ASP C 85 5.30 -14.56 -20.10
CA ASP C 85 4.02 -14.89 -19.48
C ASP C 85 3.85 -14.06 -18.21
N VAL C 86 2.78 -14.33 -17.46
CA VAL C 86 2.41 -13.48 -16.34
C VAL C 86 3.50 -13.43 -15.29
N ALA C 87 4.27 -14.51 -15.14
CA ALA C 87 5.36 -14.55 -14.18
C ALA C 87 6.58 -13.75 -14.63
N ASP C 88 6.59 -13.27 -15.87
CA ASP C 88 7.73 -12.55 -16.42
C ASP C 88 7.53 -11.04 -16.43
N TYR C 89 6.34 -10.55 -16.75
CA TYR C 89 6.12 -9.12 -16.95
C TYR C 89 5.38 -8.44 -15.81
N VAL C 90 4.93 -9.17 -14.79
CA VAL C 90 4.31 -8.58 -13.62
C VAL C 90 5.33 -8.61 -12.49
N ILE C 91 5.78 -7.44 -12.06
CA ILE C 91 6.81 -7.30 -11.04
C ILE C 91 6.30 -6.35 -9.96
N PRO C 92 6.12 -6.79 -8.71
CA PRO C 92 6.24 -8.17 -8.24
C PRO C 92 4.99 -8.99 -8.52
N ALA C 93 4.91 -10.19 -7.94
CA ALA C 93 3.82 -11.11 -8.24
C ALA C 93 2.46 -10.53 -7.84
N GLN C 94 2.39 -9.93 -6.65
N GLN C 94 2.37 -9.95 -6.65
CA GLN C 94 1.14 -9.36 -6.17
CA GLN C 94 1.14 -9.35 -6.16
C GLN C 94 1.44 -8.10 -5.35
C GLN C 94 1.46 -8.08 -5.38
N GLU C 95 0.55 -7.12 -5.45
CA GLU C 95 0.68 -5.88 -4.70
C GLU C 95 -0.62 -5.58 -3.97
N GLU C 96 -0.73 -4.40 -3.37
CA GLU C 96 -1.95 -3.93 -2.73
C GLU C 96 -2.47 -2.72 -3.50
N ASN C 97 -3.68 -2.85 -4.05
CA ASN C 97 -4.35 -1.77 -4.78
C ASN C 97 -3.57 -1.30 -5.99
N SER C 98 -2.67 -2.11 -6.52
CA SER C 98 -1.83 -1.68 -7.64
C SER C 98 -1.25 -2.88 -8.34
N LEU C 99 -0.76 -2.66 -9.55
CA LEU C 99 -0.02 -3.66 -10.28
C LEU C 99 0.82 -2.96 -11.34
N PHE C 100 1.93 -3.60 -11.74
CA PHE C 100 2.84 -3.10 -12.76
C PHE C 100 2.97 -4.12 -13.88
N VAL C 101 2.86 -3.66 -15.13
CA VAL C 101 3.00 -4.50 -16.30
C VAL C 101 4.15 -3.93 -17.13
N MET C 102 5.12 -4.79 -17.46
CA MET C 102 6.26 -4.36 -18.26
C MET C 102 5.86 -4.23 -19.72
N THR C 103 6.27 -3.12 -20.34
CA THR C 103 6.03 -2.89 -21.77
C THR C 103 7.30 -2.69 -22.57
N ASN C 104 8.39 -2.24 -21.96
CA ASN C 104 9.67 -2.06 -22.62
C ASN C 104 10.77 -2.50 -21.66
N VAL C 105 11.90 -2.95 -22.20
CA VAL C 105 12.94 -3.54 -21.37
C VAL C 105 14.30 -3.31 -22.01
N ILE C 106 15.32 -3.17 -21.17
CA ILE C 106 16.72 -3.21 -21.56
C ILE C 106 17.42 -4.23 -20.67
N LEU C 107 18.15 -5.16 -21.27
CA LEU C 107 18.76 -6.27 -20.55
C LEU C 107 20.27 -6.21 -20.62
N THR C 108 20.92 -6.53 -19.50
CA THR C 108 22.37 -6.67 -19.41
C THR C 108 22.68 -8.00 -18.75
N MET C 109 23.09 -8.96 -19.56
CA MET C 109 23.36 -10.27 -19.05
C MET C 109 24.82 -10.49 -18.71
N ASN C 110 25.09 -11.51 -17.92
CA ASN C 110 26.44 -11.82 -17.47
C ASN C 110 27.17 -10.61 -16.88
N GLN C 111 26.65 -10.14 -15.75
CA GLN C 111 27.31 -9.11 -14.97
C GLN C 111 27.98 -9.73 -13.75
N THR C 112 29.26 -9.40 -13.54
CA THR C 112 30.02 -9.88 -12.41
C THR C 112 30.74 -8.72 -11.74
N GLN C 113 30.97 -8.85 -10.44
CA GLN C 113 31.66 -7.81 -9.68
C GLN C 113 33.14 -7.76 -10.05
N GLY C 114 33.62 -6.57 -10.38
CA GLY C 114 35.00 -6.42 -10.81
C GLY C 114 35.30 -4.99 -11.23
N LEU C 115 36.16 -4.87 -12.23
CA LEU C 115 36.60 -3.58 -12.76
C LEU C 115 36.29 -3.52 -14.25
N CYS C 116 35.79 -2.38 -14.71
CA CYS C 116 35.39 -2.20 -16.10
C CYS C 116 35.38 -0.72 -16.42
N PRO C 117 35.50 -0.36 -17.70
CA PRO C 117 35.34 1.05 -18.09
C PRO C 117 33.88 1.47 -18.09
N GLU C 118 33.67 2.78 -18.00
CA GLU C 118 32.34 3.36 -18.04
C GLU C 118 31.85 3.49 -19.48
N ILE C 119 30.56 3.81 -19.60
CA ILE C 119 29.98 4.10 -20.92
C ILE C 119 30.51 5.44 -21.40
N PRO C 120 31.05 5.53 -22.62
CA PRO C 120 31.61 6.80 -23.09
C PRO C 120 30.56 7.90 -23.19
N ASP C 121 30.93 9.09 -22.75
CA ASP C 121 30.08 10.28 -22.85
C ASP C 121 30.97 11.51 -22.68
N ALA C 122 30.34 12.67 -22.49
CA ALA C 122 31.10 13.91 -22.30
C ALA C 122 31.80 13.94 -20.95
N THR C 123 31.39 13.11 -19.99
CA THR C 123 31.93 13.17 -18.64
C THR C 123 32.96 12.08 -18.36
N THR C 124 32.70 10.84 -18.78
CA THR C 124 33.57 9.73 -18.41
C THR C 124 34.79 9.61 -19.32
N VAL C 125 34.84 10.31 -20.44
CA VAL C 125 35.96 10.17 -21.36
C VAL C 125 37.19 10.87 -20.77
N CYS C 126 38.30 10.16 -20.73
CA CYS C 126 39.55 10.66 -20.17
C CYS C 126 40.68 10.43 -21.16
N LYS C 127 41.72 11.26 -21.04
CA LYS C 127 42.92 11.11 -21.85
C LYS C 127 44.06 10.45 -21.10
N SER C 128 44.09 10.59 -19.77
CA SER C 128 45.13 9.99 -18.94
C SER C 128 44.58 9.78 -17.54
N ASP C 129 45.40 9.16 -16.69
CA ASP C 129 44.99 8.90 -15.31
C ASP C 129 44.87 10.17 -14.49
N ALA C 130 45.40 11.30 -14.98
CA ALA C 130 45.29 12.55 -14.24
C ALA C 130 43.85 13.04 -14.19
N SER C 131 43.09 12.85 -15.27
CA SER C 131 41.71 13.30 -15.30
C SER C 131 40.85 12.53 -14.30
N CYS C 132 41.07 11.22 -14.19
CA CYS C 132 40.29 10.40 -13.28
C CYS C 132 40.76 10.57 -11.85
N THR C 133 39.81 10.64 -10.92
CA THR C 133 40.08 10.79 -9.50
C THR C 133 39.55 9.56 -8.76
N ALA C 134 40.40 8.94 -7.96
CA ALA C 134 40.01 7.75 -7.21
C ALA C 134 38.95 8.11 -6.17
N GLY C 135 37.98 7.22 -6.01
CA GLY C 135 36.91 7.43 -5.06
C GLY C 135 35.81 8.36 -5.55
N SER C 136 35.83 8.78 -6.81
CA SER C 136 34.82 9.69 -7.35
C SER C 136 33.51 8.93 -7.58
N ALA C 137 32.90 8.54 -6.46
CA ALA C 137 31.64 7.80 -6.47
C ALA C 137 30.51 8.84 -6.39
N GLY C 138 30.08 9.32 -7.55
CA GLY C 138 29.00 10.27 -7.61
C GLY C 138 27.64 9.61 -7.48
N THR C 139 26.60 10.44 -7.52
CA THR C 139 25.24 9.92 -7.46
C THR C 139 24.87 9.17 -8.75
N HIS C 140 25.34 9.65 -9.89
CA HIS C 140 25.00 9.04 -11.17
C HIS C 140 26.02 8.00 -11.62
N SER C 141 27.08 7.76 -10.84
CA SER C 141 28.05 6.75 -11.17
C SER C 141 27.58 5.40 -10.65
N ASN C 142 27.46 4.41 -11.55
CA ASN C 142 27.05 3.07 -11.16
C ASN C 142 28.15 2.30 -10.45
N GLY C 143 29.36 2.84 -10.39
CA GLY C 143 30.44 2.23 -9.64
C GLY C 143 31.33 3.27 -9.00
N VAL C 144 32.39 2.84 -8.33
CA VAL C 144 33.32 3.73 -7.66
C VAL C 144 34.57 3.82 -8.50
N SER C 145 34.91 5.04 -8.92
CA SER C 145 36.04 5.24 -9.82
C SER C 145 37.36 4.89 -9.12
N THR C 146 38.23 4.19 -9.85
CA THR C 146 39.50 3.75 -9.31
C THR C 146 40.66 4.67 -9.67
N GLY C 147 40.40 5.78 -10.36
CA GLY C 147 41.45 6.71 -10.71
C GLY C 147 42.30 6.30 -11.90
N ARG C 148 41.88 5.31 -12.67
CA ARG C 148 42.62 4.83 -13.82
C ARG C 148 41.81 5.07 -15.08
N CYS C 149 42.50 5.45 -16.15
CA CYS C 149 41.88 5.66 -17.47
C CYS C 149 42.17 4.42 -18.31
N VAL C 150 41.12 3.66 -18.62
CA VAL C 150 41.25 2.43 -19.38
C VAL C 150 40.48 2.58 -20.69
N ALA C 151 40.69 1.64 -21.59
CA ALA C 151 40.11 1.72 -22.94
C ALA C 151 38.76 1.03 -22.96
N PHE C 152 37.70 1.79 -23.29
CA PHE C 152 36.41 1.18 -23.51
C PHE C 152 36.41 0.31 -24.76
N ASN C 153 36.98 0.83 -25.84
CA ASN C 153 37.22 0.06 -27.05
C ASN C 153 38.47 0.62 -27.71
N GLY C 154 38.68 0.30 -28.99
CA GLY C 154 39.91 0.69 -29.66
C GLY C 154 40.09 2.19 -29.79
N SER C 155 39.00 2.94 -29.96
CA SER C 155 39.08 4.36 -30.26
C SER C 155 38.82 5.27 -29.07
N VAL C 156 38.06 4.82 -28.08
CA VAL C 156 37.68 5.67 -26.95
C VAL C 156 38.26 5.11 -25.67
N LYS C 157 38.60 6.01 -24.75
CA LYS C 157 39.11 5.66 -23.43
C LYS C 157 38.25 6.34 -22.38
N THR C 158 37.80 5.58 -21.38
CA THR C 158 36.93 6.11 -20.33
C THR C 158 37.49 5.72 -18.97
N CYS C 159 36.98 6.39 -17.94
CA CYS C 159 37.43 6.15 -16.59
C CYS C 159 37.00 4.76 -16.11
N GLU C 160 37.86 4.13 -15.31
CA GLU C 160 37.58 2.80 -14.78
C GLU C 160 36.81 2.90 -13.47
N VAL C 161 35.83 2.02 -13.30
CA VAL C 161 35.03 1.96 -12.08
C VAL C 161 34.97 0.54 -11.58
N ALA C 162 34.64 0.40 -10.30
CA ALA C 162 34.37 -0.88 -9.68
C ALA C 162 32.87 -1.04 -9.52
N ALA C 163 32.28 -1.98 -10.25
CA ALA C 163 30.85 -2.19 -10.26
C ALA C 163 30.59 -3.60 -10.79
N TRP C 164 29.32 -3.90 -11.06
CA TRP C 164 28.98 -5.08 -11.83
C TRP C 164 29.28 -4.82 -13.30
N CYS C 165 30.03 -5.72 -13.92
CA CYS C 165 30.57 -5.48 -15.24
C CYS C 165 30.08 -6.53 -16.24
N PRO C 166 29.76 -6.13 -17.48
CA PRO C 166 29.86 -4.76 -18.01
C PRO C 166 28.72 -3.86 -17.56
N VAL C 167 28.95 -2.56 -17.61
CA VAL C 167 27.95 -1.60 -17.14
C VAL C 167 26.81 -1.49 -18.16
N GLU C 168 25.66 -1.04 -17.66
CA GLU C 168 24.45 -0.97 -18.49
C GLU C 168 24.55 0.19 -19.47
N ASP C 169 24.05 -0.04 -20.69
CA ASP C 169 23.97 0.99 -21.73
C ASP C 169 22.48 1.18 -22.05
N ASP C 170 21.92 2.29 -21.56
CA ASP C 170 20.49 2.55 -21.71
C ASP C 170 20.22 3.81 -22.54
N THR C 171 21.13 4.14 -23.45
CA THR C 171 20.97 5.35 -24.25
C THR C 171 19.89 5.19 -25.33
N HIS C 172 19.66 3.96 -25.79
CA HIS C 172 18.73 3.69 -26.89
C HIS C 172 17.56 2.87 -26.34
N VAL C 173 16.50 3.55 -25.94
CA VAL C 173 15.27 2.87 -25.53
C VAL C 173 14.60 2.27 -26.76
N PRO C 174 14.23 0.99 -26.75
CA PRO C 174 13.65 0.38 -27.95
C PRO C 174 12.35 1.05 -28.38
N GLN C 175 12.20 1.21 -29.69
CA GLN C 175 11.02 1.84 -30.28
C GLN C 175 10.69 1.17 -31.60
N PRO C 176 9.51 0.55 -31.75
CA PRO C 176 8.42 0.46 -30.77
C PRO C 176 8.74 -0.41 -29.57
N ALA C 177 7.83 -0.44 -28.60
CA ALA C 177 8.09 -1.13 -27.34
C ALA C 177 8.39 -2.60 -27.56
N PHE C 178 9.28 -3.13 -26.72
CA PHE C 178 9.67 -4.53 -26.83
C PHE C 178 8.50 -5.46 -26.56
N LEU C 179 7.64 -5.10 -25.61
CA LEU C 179 6.49 -5.92 -25.24
C LEU C 179 5.21 -5.21 -25.62
N LYS C 180 5.16 -4.70 -26.86
CA LYS C 180 3.99 -3.98 -27.34
C LYS C 180 2.76 -4.87 -27.45
N ALA C 181 2.93 -6.20 -27.38
CA ALA C 181 1.78 -7.09 -27.39
C ALA C 181 0.96 -7.00 -26.11
N ALA C 182 1.47 -6.32 -25.08
CA ALA C 182 0.74 -6.14 -23.84
C ALA C 182 -0.53 -5.33 -24.01
N GLU C 183 -0.70 -4.67 -25.15
CA GLU C 183 -1.93 -3.93 -25.43
C GLU C 183 -3.16 -4.84 -25.41
N ASN C 184 -2.97 -6.12 -25.71
CA ASN C 184 -4.06 -7.06 -25.81
C ASN C 184 -4.20 -7.94 -24.57
N PHE C 185 -3.47 -7.64 -23.51
CA PHE C 185 -3.62 -8.38 -22.25
C PHE C 185 -4.91 -7.96 -21.57
N THR C 186 -5.43 -8.84 -20.71
CA THR C 186 -6.66 -8.58 -19.98
C THR C 186 -6.40 -8.61 -18.49
N LEU C 187 -7.14 -7.80 -17.75
CA LEU C 187 -6.96 -7.64 -16.32
C LEU C 187 -8.29 -7.87 -15.61
N LEU C 188 -8.28 -8.74 -14.60
CA LEU C 188 -9.45 -8.98 -13.77
C LEU C 188 -9.28 -8.25 -12.45
N VAL C 189 -10.29 -7.46 -12.08
CA VAL C 189 -10.29 -6.70 -10.83
C VAL C 189 -11.37 -7.30 -9.93
N LYS C 190 -10.95 -7.77 -8.75
CA LYS C 190 -11.87 -8.30 -7.74
C LYS C 190 -11.88 -7.32 -6.57
N ASN C 191 -13.01 -6.69 -6.34
CA ASN C 191 -13.15 -5.67 -5.30
C ASN C 191 -14.20 -6.14 -4.29
N ASN C 192 -13.77 -6.27 -3.03
CA ASN C 192 -14.65 -6.63 -1.93
C ASN C 192 -14.84 -5.41 -1.05
N ILE C 193 -16.09 -4.98 -0.88
CA ILE C 193 -16.40 -3.79 -0.10
C ILE C 193 -17.18 -4.18 1.14
N TRP C 194 -17.00 -3.42 2.20
CA TRP C 194 -17.66 -3.69 3.48
C TRP C 194 -18.01 -2.37 4.14
N TYR C 195 -19.26 -2.25 4.60
CA TYR C 195 -19.68 -1.10 5.38
C TYR C 195 -19.79 -1.53 6.84
N PRO C 196 -18.83 -1.16 7.70
CA PRO C 196 -18.84 -1.71 9.06
C PRO C 196 -20.06 -1.30 9.87
N LYS C 197 -20.71 -0.20 9.54
CA LYS C 197 -21.81 0.30 10.35
C LYS C 197 -23.09 -0.48 10.12
N PHE C 198 -23.33 -0.93 8.89
CA PHE C 198 -24.62 -1.50 8.53
C PHE C 198 -24.63 -3.01 8.34
N ASN C 199 -23.51 -3.72 8.58
CA ASN C 199 -23.47 -5.15 8.26
C ASN C 199 -23.86 -5.43 6.80
N PHE C 200 -23.09 -4.85 5.89
CA PHE C 200 -23.34 -5.06 4.47
C PHE C 200 -22.00 -5.23 3.77
N SER C 201 -21.86 -6.35 3.06
CA SER C 201 -20.66 -6.63 2.28
C SER C 201 -21.06 -7.29 0.96
N LYS C 202 -20.31 -6.98 -0.08
CA LYS C 202 -20.52 -7.59 -1.39
C LYS C 202 -19.27 -7.35 -2.24
N ARG C 203 -19.26 -7.94 -3.43
CA ARG C 203 -18.12 -7.77 -4.33
C ARG C 203 -18.58 -7.27 -5.68
N ASN C 204 -17.64 -6.84 -6.50
CA ASN C 204 -17.98 -6.28 -7.81
C ASN C 204 -18.30 -7.37 -8.82
N ILE C 205 -18.00 -8.63 -8.51
CA ILE C 205 -18.45 -9.77 -9.32
C ILE C 205 -19.87 -10.09 -8.86
N LEU C 206 -20.86 -9.69 -9.65
CA LEU C 206 -22.24 -9.75 -9.21
C LEU C 206 -22.73 -11.19 -9.09
N PRO C 207 -23.72 -11.44 -8.23
CA PRO C 207 -24.24 -12.80 -8.08
C PRO C 207 -24.88 -13.38 -9.33
N ASN C 208 -25.27 -12.56 -10.30
CA ASN C 208 -25.88 -13.04 -11.54
C ASN C 208 -24.85 -13.24 -12.65
N ILE C 209 -23.56 -13.15 -12.32
CA ILE C 209 -22.47 -13.46 -13.22
C ILE C 209 -22.08 -14.91 -13.06
N THR C 210 -22.01 -15.64 -14.16
CA THR C 210 -21.65 -17.06 -14.16
C THR C 210 -20.22 -17.25 -14.65
N THR C 211 -19.72 -18.49 -14.49
CA THR C 211 -18.38 -18.82 -14.95
C THR C 211 -18.27 -18.77 -16.47
N THR C 212 -19.31 -19.23 -17.17
CA THR C 212 -19.30 -19.18 -18.63
C THR C 212 -19.22 -17.76 -19.13
N TYR C 213 -19.96 -16.85 -18.51
CA TYR C 213 -19.88 -15.43 -18.89
C TYR C 213 -18.52 -14.85 -18.55
N LEU C 214 -18.01 -15.14 -17.35
CA LEU C 214 -16.74 -14.58 -16.91
C LEU C 214 -15.56 -15.09 -17.73
N LYS C 215 -15.70 -16.24 -18.39
CA LYS C 215 -14.59 -16.79 -19.14
C LYS C 215 -14.32 -16.03 -20.44
N SER C 216 -15.32 -15.30 -20.96
CA SER C 216 -15.17 -14.69 -22.28
C SER C 216 -15.77 -13.29 -22.36
N CYS C 217 -15.76 -12.54 -21.27
CA CYS C 217 -16.33 -11.19 -21.26
C CYS C 217 -15.22 -10.14 -21.22
N ILE C 218 -15.45 -9.04 -21.93
CA ILE C 218 -14.57 -7.87 -21.92
C ILE C 218 -15.43 -6.66 -21.59
N TYR C 219 -14.95 -5.82 -20.67
CA TYR C 219 -15.74 -4.69 -20.20
C TYR C 219 -16.01 -3.70 -21.33
N ASP C 220 -17.24 -3.19 -21.37
CA ASP C 220 -17.63 -2.11 -22.26
C ASP C 220 -18.74 -1.33 -21.55
N ALA C 221 -18.69 0.00 -21.66
CA ALA C 221 -19.60 0.83 -20.90
C ALA C 221 -21.06 0.60 -21.30
N LYS C 222 -21.30 0.19 -22.54
CA LYS C 222 -22.66 0.01 -23.05
C LYS C 222 -23.10 -1.45 -23.10
N THR C 223 -22.21 -2.36 -23.54
CA THR C 223 -22.63 -3.74 -23.76
C THR C 223 -22.42 -4.60 -22.52
N ASP C 224 -21.27 -4.48 -21.86
CA ASP C 224 -20.94 -5.26 -20.67
C ASP C 224 -20.49 -4.34 -19.55
N PRO C 225 -21.41 -3.57 -18.96
CA PRO C 225 -21.00 -2.59 -17.94
C PRO C 225 -20.59 -3.21 -16.61
N PHE C 226 -20.78 -4.51 -16.41
CA PHE C 226 -20.45 -5.15 -15.14
C PHE C 226 -19.53 -6.35 -15.28
N CYS C 227 -18.90 -6.52 -16.43
CA CYS C 227 -17.83 -7.51 -16.56
C CYS C 227 -16.57 -6.95 -15.91
N PRO C 228 -15.99 -7.64 -14.93
CA PRO C 228 -14.83 -7.07 -14.22
C PRO C 228 -13.50 -7.31 -14.90
N ILE C 229 -13.52 -7.65 -16.19
CA ILE C 229 -12.31 -7.93 -16.95
C ILE C 229 -12.12 -6.82 -17.98
N PHE C 230 -10.97 -6.14 -17.89
CA PHE C 230 -10.66 -5.02 -18.76
C PHE C 230 -9.46 -5.35 -19.63
N ARG C 231 -9.46 -4.83 -20.86
CA ARG C 231 -8.31 -4.92 -21.74
C ARG C 231 -7.44 -3.67 -21.58
N LEU C 232 -6.12 -3.88 -21.48
CA LEU C 232 -5.23 -2.79 -21.11
C LEU C 232 -5.22 -1.68 -22.16
N GLY C 233 -5.17 -2.06 -23.44
CA GLY C 233 -5.25 -1.06 -24.48
C GLY C 233 -6.54 -0.27 -24.46
N LYS C 234 -7.64 -0.95 -24.17
CA LYS C 234 -8.93 -0.28 -24.03
C LYS C 234 -8.95 0.63 -22.81
N ILE C 235 -8.29 0.21 -21.72
CA ILE C 235 -8.19 1.07 -20.54
C ILE C 235 -7.49 2.37 -20.90
N VAL C 236 -6.36 2.28 -21.60
CA VAL C 236 -5.60 3.48 -21.95
C VAL C 236 -6.37 4.33 -22.95
N GLU C 237 -7.06 3.69 -23.90
CA GLU C 237 -7.83 4.43 -24.89
C GLU C 237 -9.01 5.16 -24.28
N ASN C 238 -9.70 4.53 -23.32
CA ASN C 238 -10.84 5.18 -22.68
C ASN C 238 -10.42 6.37 -21.84
N ALA C 239 -9.15 6.48 -21.48
CA ALA C 239 -8.63 7.64 -20.77
C ALA C 239 -8.22 8.77 -21.72
N GLY C 240 -8.34 8.57 -23.03
CA GLY C 240 -8.00 9.60 -23.98
C GLY C 240 -6.57 9.57 -24.49
N HIS C 241 -5.90 8.43 -24.41
CA HIS C 241 -4.50 8.32 -24.80
C HIS C 241 -4.31 7.12 -25.71
N SER C 242 -3.06 6.91 -26.12
CA SER C 242 -2.68 5.82 -27.01
C SER C 242 -1.75 4.86 -26.27
N PHE C 243 -2.05 3.56 -26.35
CA PHE C 243 -1.25 2.58 -25.62
C PHE C 243 0.16 2.48 -26.18
N GLN C 244 0.32 2.53 -27.49
CA GLN C 244 1.65 2.34 -28.08
C GLN C 244 2.57 3.50 -27.77
N ASP C 245 2.04 4.73 -27.73
CA ASP C 245 2.85 5.87 -27.33
C ASP C 245 3.28 5.75 -25.86
N MET C 246 2.36 5.34 -25.00
CA MET C 246 2.64 5.25 -23.56
C MET C 246 3.52 4.07 -23.22
N ALA C 247 3.57 3.04 -24.07
CA ALA C 247 4.29 1.82 -23.76
C ALA C 247 5.80 1.94 -23.92
N VAL C 248 6.27 2.97 -24.64
CA VAL C 248 7.70 3.10 -24.87
C VAL C 248 8.43 3.48 -23.59
N GLU C 249 7.86 4.41 -22.82
CA GLU C 249 8.48 4.86 -21.58
C GLU C 249 7.66 4.59 -20.33
N GLY C 250 6.40 4.22 -20.46
CA GLY C 250 5.59 3.91 -19.29
C GLY C 250 4.80 5.08 -18.76
N GLY C 251 4.10 4.82 -17.66
CA GLY C 251 3.30 5.83 -17.03
C GLY C 251 2.49 5.25 -15.90
N ILE C 252 1.54 6.05 -15.41
CA ILE C 252 0.64 5.67 -14.33
C ILE C 252 -0.78 5.82 -14.85
N MET C 253 -1.59 4.77 -14.67
CA MET C 253 -3.02 4.82 -15.10
C MET C 253 -3.89 4.57 -13.87
N GLY C 254 -4.96 5.34 -13.70
CA GLY C 254 -5.81 5.20 -12.50
C GLY C 254 -7.18 4.62 -12.83
N ILE C 255 -7.50 3.46 -12.25
CA ILE C 255 -8.85 2.85 -12.45
C ILE C 255 -9.71 3.25 -11.25
N GLN C 256 -10.77 4.02 -11.48
CA GLN C 256 -11.60 4.52 -10.35
C GLN C 256 -12.88 3.68 -10.23
N VAL C 257 -13.09 3.06 -9.05
CA VAL C 257 -14.34 2.27 -8.81
C VAL C 257 -15.24 3.08 -7.88
N ASN C 258 -16.51 3.25 -8.23
CA ASN C 258 -17.41 4.11 -7.41
C ASN C 258 -18.63 3.31 -6.93
N TRP C 259 -18.87 3.28 -5.62
CA TRP C 259 -20.05 2.62 -5.07
C TRP C 259 -20.98 3.68 -4.50
N ASP C 260 -22.21 3.71 -4.99
CA ASP C 260 -23.22 4.66 -4.54
C ASP C 260 -24.47 3.83 -4.22
N CYS C 261 -24.52 3.30 -3.00
CA CYS C 261 -25.54 2.33 -2.61
C CYS C 261 -26.48 2.94 -1.57
N ASN C 262 -27.77 2.78 -1.81
CA ASN C 262 -28.81 3.18 -0.88
C ASN C 262 -29.36 1.90 -0.27
N LEU C 263 -29.03 1.65 1.00
CA LEU C 263 -29.34 0.36 1.61
C LEU C 263 -30.82 0.19 1.93
N ASP C 264 -31.63 1.25 1.82
CA ASP C 264 -33.08 1.07 1.94
C ASP C 264 -33.63 0.28 0.77
N ARG C 265 -32.97 0.35 -0.39
CA ARG C 265 -33.40 -0.39 -1.57
C ARG C 265 -32.93 -1.84 -1.47
N ALA C 266 -33.12 -2.59 -2.56
CA ALA C 266 -32.63 -3.96 -2.61
C ALA C 266 -31.11 -3.99 -2.67
N ALA C 267 -30.53 -5.09 -2.18
CA ALA C 267 -29.08 -5.23 -2.18
C ALA C 267 -28.53 -5.42 -3.59
N SER C 268 -29.35 -5.86 -4.54
CA SER C 268 -28.88 -6.06 -5.91
C SER C 268 -28.71 -4.76 -6.67
N LEU C 269 -29.15 -3.64 -6.10
CA LEU C 269 -29.03 -2.34 -6.76
C LEU C 269 -27.77 -1.58 -6.35
N CYS C 270 -26.98 -2.12 -5.43
CA CYS C 270 -25.69 -1.53 -5.05
C CYS C 270 -24.66 -2.01 -6.07
N LEU C 271 -24.35 -1.15 -7.03
CA LEU C 271 -23.55 -1.52 -8.20
C LEU C 271 -22.37 -0.57 -8.37
N PRO C 272 -21.26 -1.06 -8.91
CA PRO C 272 -20.10 -0.21 -9.13
C PRO C 272 -20.06 0.45 -10.50
N ARG C 273 -19.39 1.60 -10.54
CA ARG C 273 -19.18 2.35 -11.77
C ARG C 273 -17.68 2.56 -11.98
N TYR C 274 -17.24 2.42 -13.22
CA TYR C 274 -15.82 2.45 -13.56
C TYR C 274 -15.48 3.66 -14.43
N SER C 275 -14.36 4.29 -14.11
CA SER C 275 -13.81 5.38 -14.92
C SER C 275 -12.29 5.29 -14.88
N PHE C 276 -11.65 5.90 -15.89
CA PHE C 276 -10.21 5.77 -16.08
C PHE C 276 -9.59 7.14 -16.29
N ARG C 277 -8.37 7.31 -15.79
CA ARG C 277 -7.65 8.56 -15.94
C ARG C 277 -6.16 8.32 -15.84
N ARG C 278 -5.39 9.00 -16.69
CA ARG C 278 -3.94 8.97 -16.60
C ARG C 278 -3.47 9.84 -15.45
N LEU C 279 -2.60 9.30 -14.59
CA LEU C 279 -2.23 9.97 -13.35
C LEU C 279 -0.89 10.68 -13.40
N ASP C 280 0.01 10.32 -14.30
CA ASP C 280 1.33 10.92 -14.34
C ASP C 280 1.30 12.16 -15.25
N THR C 281 1.74 13.29 -14.73
CA THR C 281 1.77 14.53 -15.49
C THR C 281 3.00 14.57 -16.39
N ARG C 282 2.78 14.93 -17.65
CA ARG C 282 3.83 14.92 -18.66
C ARG C 282 4.30 16.33 -18.93
N ASP C 283 5.62 16.49 -19.06
CA ASP C 283 6.22 17.77 -19.44
C ASP C 283 6.58 17.75 -20.91
N VAL C 284 6.08 18.73 -21.66
CA VAL C 284 6.38 18.84 -23.08
C VAL C 284 7.30 20.00 -23.40
N GLU C 285 7.41 20.99 -22.53
CA GLU C 285 8.33 22.10 -22.77
C GLU C 285 9.78 21.68 -22.54
N HIS C 286 10.04 20.93 -21.48
CA HIS C 286 11.38 20.48 -21.16
C HIS C 286 11.57 18.98 -21.17
N ASN C 287 10.48 18.20 -20.99
CA ASN C 287 10.53 16.74 -20.98
C ASN C 287 11.46 16.23 -19.87
N VAL C 288 11.13 16.61 -18.64
CA VAL C 288 11.92 16.28 -17.47
C VAL C 288 11.27 15.09 -16.77
N SER C 289 12.03 14.01 -16.63
CA SER C 289 11.61 12.80 -15.95
C SER C 289 10.29 12.24 -16.50
N PRO C 290 10.28 11.72 -17.73
CA PRO C 290 9.06 11.18 -18.31
C PRO C 290 8.87 9.69 -17.99
N GLY C 291 7.63 9.25 -18.14
CA GLY C 291 7.31 7.84 -18.02
C GLY C 291 7.44 7.31 -16.61
N TYR C 292 7.88 6.05 -16.52
CA TYR C 292 8.04 5.35 -15.26
C TYR C 292 8.89 4.11 -15.49
N ASN C 293 9.95 3.94 -14.69
CA ASN C 293 10.84 2.81 -14.85
C ASN C 293 11.57 2.53 -13.54
N PHE C 294 12.13 1.33 -13.44
CA PHE C 294 12.94 0.92 -12.31
C PHE C 294 13.87 -0.20 -12.75
N ARG C 295 14.76 -0.61 -11.85
CA ARG C 295 15.76 -1.64 -12.14
C ARG C 295 15.65 -2.77 -11.13
N PHE C 296 15.79 -3.99 -11.63
CA PHE C 296 15.85 -5.17 -10.77
C PHE C 296 16.71 -6.22 -11.46
N ALA C 297 17.14 -7.21 -10.68
CA ALA C 297 18.12 -8.19 -11.15
C ALA C 297 17.69 -9.61 -10.81
N LYS C 298 18.19 -10.55 -11.61
CA LYS C 298 18.05 -11.98 -11.36
C LYS C 298 19.45 -12.55 -11.14
N TYR C 299 19.63 -13.26 -10.02
CA TYR C 299 20.95 -13.67 -9.56
C TYR C 299 21.20 -15.15 -9.85
N TYR C 300 22.42 -15.46 -10.26
CA TYR C 300 22.84 -16.82 -10.54
C TYR C 300 24.20 -17.06 -9.91
N ARG C 301 24.66 -18.31 -10.01
CA ARG C 301 25.99 -18.71 -9.57
C ARG C 301 26.62 -19.57 -10.65
N ASP C 302 27.95 -19.58 -10.69
CA ASP C 302 28.66 -20.45 -11.61
C ASP C 302 29.09 -21.72 -10.89
N LEU C 303 29.91 -22.55 -11.55
CA LEU C 303 30.42 -23.75 -10.93
C LEU C 303 31.39 -23.43 -9.81
N ALA C 304 32.13 -22.33 -9.93
CA ALA C 304 33.11 -21.94 -8.92
C ALA C 304 32.48 -21.22 -7.74
N GLY C 305 31.21 -20.85 -7.82
CA GLY C 305 30.52 -20.19 -6.72
C GLY C 305 30.51 -18.68 -6.78
N ASN C 306 30.96 -18.08 -7.88
CA ASN C 306 30.94 -16.63 -8.01
C ASN C 306 29.54 -16.14 -8.35
N GLU C 307 29.19 -15.00 -7.79
CA GLU C 307 27.89 -14.41 -8.04
C GLU C 307 27.80 -13.82 -9.43
N GLN C 308 26.68 -14.04 -10.09
CA GLN C 308 26.44 -13.51 -11.43
C GLN C 308 25.00 -13.02 -11.48
N ARG C 309 24.73 -12.05 -12.35
CA ARG C 309 23.39 -11.49 -12.39
C ARG C 309 23.05 -10.98 -13.77
N THR C 310 21.75 -10.84 -14.02
CA THR C 310 21.21 -10.16 -15.19
C THR C 310 20.50 -8.90 -14.70
N LEU C 311 20.94 -7.75 -15.21
CA LEU C 311 20.33 -6.48 -14.84
C LEU C 311 19.22 -6.13 -15.81
N ILE C 312 18.07 -5.74 -15.27
CA ILE C 312 16.88 -5.47 -16.07
C ILE C 312 16.39 -4.06 -15.75
N LYS C 313 16.35 -3.21 -16.78
CA LYS C 313 15.71 -1.87 -16.65
C LYS C 313 14.31 -2.04 -17.26
N ALA C 314 13.26 -1.87 -16.47
CA ALA C 314 11.89 -2.15 -16.86
C ALA C 314 11.11 -0.85 -17.02
N TYR C 315 10.56 -0.65 -18.21
CA TYR C 315 9.58 0.40 -18.45
C TYR C 315 8.19 -0.24 -18.52
N GLY C 316 7.19 0.46 -18.02
CA GLY C 316 5.85 -0.11 -18.07
C GLY C 316 4.85 0.80 -17.40
N ILE C 317 3.61 0.33 -17.38
CA ILE C 317 2.49 1.11 -16.86
C ILE C 317 2.07 0.52 -15.53
N ARG C 318 1.89 1.40 -14.54
CA ARG C 318 1.37 1.00 -13.23
C ARG C 318 -0.11 1.31 -13.17
N PHE C 319 -0.90 0.33 -12.78
CA PHE C 319 -2.36 0.47 -12.71
C PHE C 319 -2.76 0.58 -11.25
N ASP C 320 -3.23 1.75 -10.85
CA ASP C 320 -3.69 1.99 -9.49
C ASP C 320 -5.21 1.88 -9.44
N ILE C 321 -5.72 1.14 -8.46
CA ILE C 321 -7.16 0.96 -8.28
C ILE C 321 -7.59 1.84 -7.11
N ILE C 322 -8.49 2.78 -7.39
CA ILE C 322 -8.96 3.75 -6.41
C ILE C 322 -10.45 3.51 -6.22
N VAL C 323 -10.86 3.24 -4.98
CA VAL C 323 -12.23 2.86 -4.67
C VAL C 323 -12.84 3.92 -3.77
N PHE C 324 -13.96 4.48 -4.19
CA PHE C 324 -14.75 5.41 -3.39
C PHE C 324 -16.12 4.82 -3.17
N GLY C 325 -16.67 4.99 -1.96
CA GLY C 325 -17.99 4.48 -1.69
C GLY C 325 -18.58 4.95 -0.37
N LYS C 326 -19.86 5.32 -0.42
CA LYS C 326 -20.58 5.72 0.77
C LYS C 326 -21.96 5.08 0.72
N ALA C 327 -22.49 4.67 1.86
CA ALA C 327 -23.79 4.02 1.93
C ALA C 327 -24.75 4.85 2.78
N GLY C 328 -26.04 4.66 2.54
CA GLY C 328 -27.06 5.33 3.31
C GLY C 328 -28.18 4.41 3.72
N LYS C 329 -28.52 4.42 5.01
CA LYS C 329 -29.60 3.60 5.53
C LYS C 329 -30.45 4.44 6.47
N PHE C 330 -31.76 4.20 6.45
CA PHE C 330 -32.69 4.98 7.25
C PHE C 330 -32.39 4.83 8.74
N ASP C 331 -32.36 5.96 9.45
CA ASP C 331 -32.15 5.97 10.89
C ASP C 331 -33.01 7.06 11.50
N ILE C 332 -33.57 6.79 12.68
CA ILE C 332 -34.55 7.68 13.28
C ILE C 332 -33.90 8.94 13.83
N ILE C 333 -32.69 8.79 14.36
CA ILE C 333 -32.00 9.93 14.96
C ILE C 333 -31.84 11.09 13.98
N PRO C 334 -31.18 10.86 12.84
CA PRO C 334 -30.95 12.00 11.93
C PRO C 334 -32.27 12.62 11.55
N THR C 335 -33.28 11.80 11.32
CA THR C 335 -34.59 12.31 10.94
C THR C 335 -35.08 13.28 11.99
N MET C 336 -35.11 12.84 13.24
CA MET C 336 -35.63 13.69 14.32
C MET C 336 -34.82 14.98 14.46
N ILE C 337 -33.51 14.86 14.35
CA ILE C 337 -32.66 16.04 14.49
C ILE C 337 -33.05 17.08 13.47
N ASN C 338 -33.19 16.67 12.22
CA ASN C 338 -33.54 17.60 11.16
C ASN C 338 -34.91 18.19 11.42
N ILE C 339 -35.84 17.35 11.89
CA ILE C 339 -37.18 17.82 12.16
C ILE C 339 -37.14 18.97 13.15
N GLY C 340 -36.42 18.79 14.24
CA GLY C 340 -36.33 19.83 15.25
C GLY C 340 -35.74 21.09 14.69
N SER C 341 -34.66 20.95 13.92
CA SER C 341 -34.01 22.11 13.35
C SER C 341 -34.98 22.87 12.46
N GLY C 342 -35.73 22.14 11.65
CA GLY C 342 -36.68 22.79 10.76
C GLY C 342 -37.73 23.55 11.54
N LEU C 343 -38.24 22.95 12.61
CA LEU C 343 -39.24 23.61 13.42
C LEU C 343 -38.66 24.90 13.99
N ALA C 344 -37.53 24.77 14.65
CA ALA C 344 -36.89 25.92 15.24
C ALA C 344 -36.71 26.95 14.17
N LEU C 345 -36.13 26.54 13.06
CA LEU C 345 -35.88 27.48 11.99
C LEU C 345 -37.15 28.20 11.65
N LEU C 346 -38.22 27.45 11.42
CA LEU C 346 -39.45 28.07 10.98
C LEU C 346 -39.89 29.15 11.95
N GLY C 347 -40.00 28.79 13.22
CA GLY C 347 -40.47 29.76 14.20
C GLY C 347 -39.57 30.99 14.21
N MET C 348 -38.27 30.78 14.29
CA MET C 348 -37.36 31.92 14.37
C MET C 348 -37.56 32.84 13.19
N ALA C 349 -37.62 32.27 11.99
CA ALA C 349 -37.80 33.07 10.80
C ALA C 349 -39.10 33.82 10.82
N THR C 350 -40.19 33.10 11.07
CA THR C 350 -41.49 33.75 11.02
C THR C 350 -41.52 34.91 11.99
N VAL C 351 -41.01 34.68 13.20
CA VAL C 351 -40.99 35.74 14.26
C VAL C 351 -40.01 36.85 13.84
N LEU C 352 -38.88 36.49 13.22
CA LEU C 352 -37.95 37.53 12.73
C LEU C 352 -38.71 38.41 11.73
N CYS C 353 -39.44 37.78 10.80
CA CYS C 353 -40.22 38.54 9.79
C CYS C 353 -41.23 39.45 10.49
N ASP C 354 -41.92 38.93 11.52
CA ASP C 354 -42.91 39.73 12.27
C ASP C 354 -42.23 40.97 12.87
N ILE C 355 -41.08 40.77 13.52
CA ILE C 355 -40.32 41.92 14.12
C ILE C 355 -40.01 42.91 13.00
N ILE C 356 -39.42 42.44 11.90
CA ILE C 356 -39.02 43.36 10.79
C ILE C 356 -40.24 44.13 10.29
N VAL C 357 -41.39 43.46 10.15
CA VAL C 357 -42.61 44.13 9.60
C VAL C 357 -42.98 45.32 10.49
N LEU C 358 -43.03 45.13 11.81
CA LEU C 358 -43.42 46.21 12.74
C LEU C 358 -42.43 47.37 12.61
N TYR C 359 -41.14 47.07 12.49
CA TYR C 359 -40.09 48.13 12.37
C TYR C 359 -40.33 48.91 11.08
N CYS C 360 -40.62 48.21 9.98
CA CYS C 360 -40.91 48.89 8.69
C CYS C 360 -42.13 49.79 8.85
N MET C 361 -43.16 49.30 9.55
CA MET C 361 -44.39 50.11 9.77
C MET C 361 -44.02 51.38 10.55
C1 NAG D . -1.14 -27.47 15.94
C2 NAG D . -1.37 -28.78 15.17
C3 NAG D . -2.28 -29.70 15.96
C4 NAG D . -1.77 -29.89 17.38
C5 NAG D . -1.52 -28.54 18.03
C6 NAG D . -0.88 -28.64 19.40
C7 NAG D . -1.36 -28.88 12.71
C8 NAG D . -0.04 -29.57 12.84
N2 NAG D . -1.95 -28.51 13.86
O3 NAG D . -2.39 -30.97 15.29
O4 NAG D . -2.75 -30.60 18.14
O5 NAG D . -0.63 -27.77 17.22
O6 NAG D . 0.52 -28.61 19.30
O7 NAG D . -1.87 -28.65 11.61
C1 NAG D . -2.24 -31.83 18.65
C2 NAG D . -3.43 -32.67 19.11
C3 NAG D . -2.97 -34.04 19.62
C4 NAG D . -2.09 -34.72 18.58
C5 NAG D . -0.96 -33.80 18.15
C6 NAG D . -0.11 -34.38 17.04
C7 NAG D . -3.74 -31.59 21.31
C8 NAG D . -4.71 -30.88 22.21
N2 NAG D . -4.21 -31.97 20.12
O3 NAG D . -4.11 -34.84 19.92
O4 NAG D . -1.56 -35.93 19.11
O5 NAG D . -1.49 -32.56 17.67
O6 NAG D . 0.93 -33.50 16.66
O7 NAG D . -2.58 -31.79 21.66
C1 NAG E . 6.95 16.60 19.43
C2 NAG E . 7.73 17.90 19.68
C3 NAG E . 9.23 17.62 19.58
C4 NAG E . 9.64 16.50 20.54
C5 NAG E . 8.79 15.26 20.27
C6 NAG E . 9.03 14.16 21.28
C7 NAG E . 7.04 20.18 19.09
C8 NAG E . 6.65 21.10 17.98
N2 NAG E . 7.35 18.92 18.73
O3 NAG E . 9.94 18.82 19.90
O4 NAG E . 11.00 16.14 20.32
O5 NAG E . 7.40 15.58 20.35
O6 NAG E . 8.89 14.63 22.61
O7 NAG E . 7.08 20.54 20.26
C1 NAG E . 11.88 16.82 21.25
C2 NAG E . 12.95 15.84 21.75
C3 NAG E . 13.95 16.57 22.64
C4 NAG E . 14.52 17.79 21.93
C5 NAG E . 13.37 18.68 21.44
C6 NAG E . 13.85 19.85 20.62
C7 NAG E . 12.54 13.44 22.10
C8 NAG E . 11.85 12.41 22.94
N2 NAG E . 12.36 14.72 22.45
O3 NAG E . 15.01 15.67 22.98
O4 NAG E . 15.35 18.52 22.82
O5 NAG E . 12.49 17.93 20.60
O6 NAG E . 13.92 19.52 19.24
O7 NAG E . 13.24 13.14 21.13
C1 NAG F . 0.42 -4.33 31.38
C2 NAG F . -0.02 -5.49 32.25
C3 NAG F . -1.38 -6.01 31.80
C4 NAG F . -2.40 -4.87 31.76
C5 NAG F . -1.86 -3.69 30.94
C6 NAG F . -2.75 -2.47 31.02
C7 NAG F . 1.87 -6.74 33.21
C8 NAG F . 2.80 -7.91 33.03
N2 NAG F . 0.96 -6.56 32.24
O3 NAG F . -1.81 -7.03 32.69
O4 NAG F . -3.62 -5.28 31.17
O5 NAG F . -0.56 -3.30 31.42
O6 NAG F . -2.97 -1.93 29.73
O7 NAG F . 1.94 -6.01 34.18
C1 NAG F . -4.52 -5.88 32.13
C2 NAG F . -5.96 -5.37 31.94
C3 NAG F . -6.90 -6.09 32.91
C4 NAG F . -6.74 -7.60 32.79
C5 NAG F . -5.28 -7.99 32.96
C6 NAG F . -5.03 -9.46 32.75
C7 NAG F . -6.79 -3.14 31.35
C8 NAG F . -7.56 -3.80 30.25
N2 NAG F . -6.05 -3.94 32.11
O3 NAG F . -8.25 -5.72 32.64
O4 NAG F . -7.50 -8.24 33.81
O5 NAG F . -4.48 -7.30 31.98
O6 NAG F . -5.32 -9.86 31.42
O7 NAG F . -6.84 -1.92 31.54
C1 BMA F . -8.68 -8.84 33.23
C2 BMA F . -8.59 -10.37 33.42
C3 BMA F . -9.87 -11.02 32.90
C4 BMA F . -11.12 -10.36 33.51
C5 BMA F . -11.08 -8.85 33.26
C6 BMA F . -12.25 -8.11 33.91
O2 BMA F . -8.51 -10.68 34.81
O3 BMA F . -9.89 -12.42 33.15
O4 BMA F . -12.27 -10.90 32.91
O5 BMA F . -9.86 -8.32 33.82
O6 BMA F . -12.14 -6.73 33.61
C1 NAG G . 29.71 10.94 2.78
C2 NAG G . 30.73 10.12 3.59
C3 NAG G . 31.64 11.06 4.39
C4 NAG G . 32.24 12.13 3.49
C5 NAG G . 31.15 12.84 2.70
C6 NAG G . 31.67 13.82 1.70
C7 NAG G . 30.26 7.86 4.42
C8 NAG G . 31.20 7.37 3.36
N2 NAG G . 30.06 9.18 4.48
O3 NAG G . 32.66 10.30 5.02
O4 NAG G . 32.90 13.10 4.31
O5 NAG G . 30.39 11.86 1.96
O6 NAG G . 31.89 13.21 0.43
O7 NAG G . 29.70 7.09 5.19
C1 NAG G . 34.30 13.18 3.99
C2 NAG G . 34.98 13.93 5.14
C3 NAG G . 36.49 14.02 4.90
C4 NAG G . 37.07 12.64 4.64
C5 NAG G . 36.30 11.95 3.50
C6 NAG G . 36.76 10.53 3.26
C7 NAG G . 34.40 16.22 4.40
C8 NAG G . 33.76 17.51 4.81
N2 NAG G . 34.41 15.25 5.32
O3 NAG G . 37.11 14.61 6.03
O4 NAG G . 38.45 12.74 4.28
O5 NAG G . 34.91 11.90 3.83
O6 NAG G . 36.02 9.92 2.21
O7 NAG G . 34.89 16.07 3.29
C1 NAG H . -10.07 17.59 -17.06
C2 NAG H . -11.10 17.70 -18.19
C3 NAG H . -10.58 17.01 -19.44
C4 NAG H . -9.21 17.55 -19.83
C5 NAG H . -8.25 17.46 -18.67
C6 NAG H . -6.92 18.12 -18.93
C7 NAG H . -13.54 17.76 -17.95
C8 NAG H . -14.76 17.04 -17.47
N2 NAG H . -12.38 17.14 -17.77
O3 NAG H . -11.52 17.21 -20.49
O4 NAG H . -8.67 16.80 -20.91
O5 NAG H . -8.80 18.10 -17.50
O6 NAG H . -7.09 19.46 -19.37
O7 NAG H . -13.62 18.88 -18.47
C1 NAG H . -8.93 17.41 -22.19
C2 NAG H . -7.69 17.31 -23.07
C3 NAG H . -7.99 17.86 -24.47
C4 NAG H . -9.22 17.18 -25.06
C5 NAG H . -10.39 17.30 -24.09
C6 NAG H . -11.61 16.53 -24.55
C7 NAG H . -5.40 17.44 -22.21
C8 NAG H . -4.35 18.31 -21.61
N2 NAG H . -6.57 18.02 -22.48
O3 NAG H . -6.87 17.65 -25.32
O4 NAG H . -9.57 17.79 -26.30
O5 NAG H . -10.03 16.75 -22.82
O6 NAG H . -11.60 15.20 -24.06
O7 NAG H . -5.20 16.24 -22.44
C1 NAG I . 11.48 27.87 -9.74
C2 NAG I . 12.71 28.67 -9.34
C3 NAG I . 12.84 28.69 -7.81
C4 NAG I . 11.55 29.22 -7.18
C5 NAG I . 10.34 28.43 -7.69
C6 NAG I . 9.03 29.02 -7.23
C7 NAG I . 14.48 28.64 -11.04
C8 NAG I . 15.72 27.95 -11.53
N2 NAG I . 13.91 28.13 -9.94
O3 NAG I . 13.95 29.51 -7.47
O4 NAG I . 11.58 29.07 -5.76
O5 NAG I . 10.32 28.44 -9.13
O6 NAG I . 8.17 28.00 -6.73
O7 NAG I . 14.00 29.61 -11.62
C1 NAG I . 12.21 30.20 -5.12
C2 NAG I . 11.41 30.65 -3.87
C3 NAG I . 12.15 31.78 -3.16
C4 NAG I . 13.59 31.39 -2.87
C5 NAG I . 14.27 30.94 -4.16
C6 NAG I . 15.68 30.43 -3.94
C7 NAG I . 8.98 30.76 -3.51
C8 NAG I . 9.21 29.94 -2.27
N2 NAG I . 10.07 31.06 -4.23
O3 NAG I . 11.48 32.10 -1.94
O4 NAG I . 14.30 32.52 -2.36
O5 NAG I . 13.53 29.84 -4.74
O6 NAG I . 15.70 29.27 -3.14
O7 NAG I . 7.86 31.13 -3.84
C1 BMA I . 14.52 32.34 -0.94
C2 BMA I . 16.04 32.26 -0.70
C3 BMA I . 16.30 32.17 0.80
C4 BMA I . 15.58 33.29 1.56
C5 BMA I . 14.09 33.28 1.22
C6 BMA I . 13.33 34.42 1.88
O2 BMA I . 16.67 33.44 -1.15
O3 BMA I . 17.69 32.20 1.09
O4 BMA I . 15.74 33.11 2.94
O5 BMA I . 13.94 33.41 -0.21
O6 BMA I . 11.95 34.31 1.52
C1 NAG J . -4.28 -7.08 -30.69
C2 NAG J . -3.12 -6.85 -31.67
C3 NAG J . -3.66 -6.33 -32.99
C4 NAG J . -4.78 -7.21 -33.52
C5 NAG J . -5.84 -7.42 -32.45
C6 NAG J . -6.92 -8.39 -32.84
C7 NAG J . -0.86 -6.25 -30.94
C8 NAG J . -0.46 -7.65 -31.31
N2 NAG J . -2.15 -5.93 -31.12
O3 NAG J . -2.60 -6.25 -33.94
O4 NAG J . -5.39 -6.57 -34.64
O5 NAG J . -5.23 -7.94 -31.26
O6 NAG J . -6.59 -9.71 -32.45
O7 NAG J . -0.05 -5.45 -30.49
C1 NAG J . -5.29 -7.38 -35.83
C2 NAG J . -5.62 -6.48 -37.02
C3 NAG J . -5.48 -7.26 -38.33
C4 NAG J . -4.11 -7.92 -38.41
C5 NAG J . -3.86 -8.77 -37.16
C6 NAG J . -2.47 -9.37 -37.13
C7 NAG J . -8.08 -6.60 -36.84
C8 NAG J . -9.34 -5.79 -36.72
N2 NAG J . -6.94 -5.89 -36.91
O3 NAG J . -5.65 -6.36 -39.43
O4 NAG J . -4.04 -8.75 -39.57
O5 NAG J . -3.99 -7.95 -35.99
O6 NAG J . -2.27 -10.13 -35.96
O7 NAG J . -8.10 -7.82 -36.87
C1 NAG K . -22.61 -9.18 10.31
C2 NAG K . -23.17 -9.80 11.59
C3 NAG K . -22.70 -11.25 11.71
C4 NAG K . -23.07 -12.05 10.46
C5 NAG K . -22.52 -11.36 9.22
C6 NAG K . -22.97 -12.01 7.94
C7 NAG K . -23.63 -8.66 13.70
C8 NAG K . -23.05 -7.86 14.83
N2 NAG K . -22.77 -9.03 12.75
O3 NAG K . -23.31 -11.82 12.86
O4 NAG K . -22.48 -13.35 10.52
O5 NAG K . -22.97 -9.99 9.17
O6 NAG K . -24.38 -12.14 7.89
O7 NAG K . -24.82 -8.94 13.66
C1 NAG K . -23.42 -14.32 11.03
C2 NAG K . -23.29 -15.62 10.23
C3 NAG K . -24.20 -16.70 10.83
C4 NAG K . -23.91 -16.88 12.31
C5 NAG K . -24.02 -15.53 13.03
C6 NAG K . -23.62 -15.61 14.48
C7 NAG K . -22.79 -15.68 7.83
C8 NAG K . -23.30 -15.39 6.45
N2 NAG K . -23.62 -15.40 8.83
O3 NAG K . -23.98 -17.93 10.13
O4 NAG K . -24.84 -17.79 12.88
O5 NAG K . -23.13 -14.59 12.40
O6 NAG K . -22.23 -15.35 14.65
O7 NAG K . -21.66 -16.14 8.03
C1 NAG L . -26.74 -9.12 -14.32
C2 NAG L . -27.17 -9.10 -15.78
C3 NAG L . -26.82 -7.76 -16.41
C4 NAG L . -27.41 -6.61 -15.59
C5 NAG L . -27.02 -6.74 -14.13
C6 NAG L . -27.70 -5.73 -13.24
C7 NAG L . -27.21 -11.34 -16.81
C8 NAG L . -26.44 -12.35 -17.59
N2 NAG L . -26.58 -10.20 -16.53
O3 NAG L . -27.32 -7.74 -17.75
O4 NAG L . -26.94 -5.35 -16.06
O5 NAG L . -27.35 -8.04 -13.62
O6 NAG L . -26.78 -5.10 -12.37
O7 NAG L . -28.37 -11.55 -16.43
C1 NAG L . -27.76 -4.83 -17.13
C2 NAG L . -28.04 -3.33 -16.94
C3 NAG L . -28.82 -2.79 -18.14
C4 NAG L . -28.12 -3.13 -19.44
C5 NAG L . -27.84 -4.63 -19.51
C6 NAG L . -27.06 -5.04 -20.73
C7 NAG L . -28.51 -2.05 -14.89
C8 NAG L . -27.41 -1.13 -15.30
N2 NAG L . -28.76 -3.08 -15.71
O3 NAG L . -28.97 -1.38 -18.02
O4 NAG L . -28.94 -2.76 -20.54
O5 NAG L . -27.08 -5.04 -18.37
O6 NAG L . -25.76 -4.48 -20.72
O7 NAG L . -29.15 -1.88 -13.85
C1 BMA L . -28.41 -1.58 -21.16
C2 BMA L . -27.99 -1.94 -22.61
C3 BMA L . -27.51 -0.69 -23.33
C4 BMA L . -28.53 0.45 -23.21
C5 BMA L . -28.88 0.70 -21.73
C6 BMA L . -29.96 1.76 -21.56
O2 BMA L . -29.11 -2.42 -23.34
O3 BMA L . -27.21 -0.94 -24.69
O4 BMA L . -28.01 1.63 -23.78
O5 BMA L . -29.36 -0.53 -21.16
O6 BMA L . -30.19 1.94 -20.17
PG ATP M . 14.18 -12.80 15.63
O1G ATP M . 13.93 -14.02 16.49
O2G ATP M . 15.67 -12.58 15.44
O3G ATP M . 13.46 -12.91 14.30
PB ATP M . 14.54 -10.19 16.60
O1B ATP M . 15.75 -10.56 17.38
O2B ATP M . 14.92 -9.53 15.30
O3B ATP M . 13.60 -11.44 16.34
PA ATP M . 12.21 -8.70 16.90
O1A ATP M . 12.24 -7.20 16.82
O2A ATP M . 11.97 -9.25 15.55
O3A ATP M . 13.61 -9.22 17.46
O5' ATP M . 11.05 -9.15 17.87
C5' ATP M . 11.26 -9.08 19.28
C4' ATP M . 10.96 -10.47 19.89
O4' ATP M . 9.70 -10.99 19.36
C3' ATP M . 12.07 -11.51 19.45
O3' ATP M . 12.54 -12.22 20.58
C2' ATP M . 11.33 -12.47 18.50
O2' ATP M . 11.77 -13.81 18.71
C1' ATP M . 9.87 -12.31 18.89
N9 ATP M . 9.01 -12.50 17.69
C8 ATP M . 9.06 -11.79 16.56
N7 ATP M . 8.17 -12.19 15.63
C5 ATP M . 7.52 -13.21 16.24
C6 ATP M . 6.46 -14.10 15.87
N6 ATP M . 5.87 -14.02 14.67
N1 ATP M . 6.06 -15.05 16.80
C2 ATP M . 6.66 -15.11 17.98
N3 ATP M . 7.64 -14.35 18.43
C4 ATP M . 8.05 -13.42 17.55
C1 NAG N . 11.32 -38.93 3.67
C2 NAG N . 12.46 -39.21 4.66
C3 NAG N . 13.34 -40.35 4.15
C4 NAG N . 12.49 -41.58 3.80
C5 NAG N . 11.39 -41.19 2.82
C6 NAG N . 10.45 -42.33 2.51
C7 NAG N . 14.03 -37.87 5.98
C8 NAG N . 14.80 -36.59 6.06
N2 NAG N . 13.26 -38.02 4.89
O3 NAG N . 14.29 -40.71 5.14
O4 NAG N . 13.31 -42.59 3.22
O5 NAG N . 10.60 -40.14 3.39
O6 NAG N . 9.97 -42.94 3.70
O7 NAG N . 14.11 -38.72 6.85
C1 NAG O . 16.09 -30.35 -16.26
C2 NAG O . 17.11 -30.97 -15.32
C3 NAG O . 18.51 -30.93 -15.96
C4 NAG O . 18.49 -31.54 -17.35
C5 NAG O . 17.40 -30.89 -18.20
C6 NAG O . 17.24 -31.53 -19.56
C7 NAG O . 16.77 -30.84 -12.90
C8 NAG O . 16.83 -29.97 -11.68
N2 NAG O . 17.13 -30.26 -14.05
O3 NAG O . 19.43 -31.63 -15.13
O4 NAG O . 19.75 -31.35 -17.99
O5 NAG O . 16.14 -31.01 -17.53
O6 NAG O . 16.06 -31.06 -20.21
O7 NAG O . 16.40 -32.01 -12.83
C1 NAG P . -3.18 -39.00 -21.55
C2 NAG P . -3.64 -40.31 -20.89
C3 NAG P . -5.13 -40.24 -20.58
C4 NAG P . -5.45 -39.00 -19.76
C5 NAG P . -4.90 -37.75 -20.45
C6 NAG P . -5.07 -36.49 -19.63
C7 NAG P . -2.36 -42.32 -21.47
C8 NAG P . -2.19 -43.43 -22.45
N2 NAG P . -3.34 -41.45 -21.73
O3 NAG P . -5.51 -41.40 -19.85
O4 NAG P . -6.86 -38.87 -19.61
O5 NAG P . -3.49 -37.90 -20.69
O6 NAG P . -4.34 -36.56 -18.41
O7 NAG P . -1.64 -42.20 -20.48
MG MG Q . -6.55 -23.12 -14.01
MG MG R . 17.61 -13.75 16.57
PG ATP S . 18.48 7.03 -14.79
O1G ATP S . 19.78 7.74 -14.52
O2G ATP S . 18.49 6.32 -16.13
O3G ATP S . 18.13 6.06 -13.66
PB ATP S . 16.27 8.16 -16.10
O1B ATP S . 17.03 8.35 -17.37
O2B ATP S . 15.41 6.92 -16.19
O3B ATP S . 17.24 8.10 -14.85
PA ATP S . 14.48 9.54 -14.47
O1A ATP S . 13.04 9.67 -14.86
O2A ATP S . 14.65 8.31 -13.67
O3A ATP S . 15.36 9.45 -15.79
O5' ATP S . 14.92 10.80 -13.62
C5' ATP S . 15.23 12.02 -14.31
C4' ATP S . 16.63 12.48 -13.88
O4' ATP S . 16.77 12.40 -12.44
C3' ATP S . 17.73 11.51 -14.47
O3' ATP S . 18.76 12.26 -15.10
C2' ATP S . 18.28 10.77 -13.25
O2' ATP S . 19.70 10.60 -13.37
C1' ATP S . 17.96 11.71 -12.09
N9 ATP S . 17.70 10.91 -10.85
C8 ATP S . 16.77 9.95 -10.71
N7 ATP S . 16.77 9.39 -9.49
C5 ATP S . 17.76 10.04 -8.84
C6 ATP S . 18.33 9.97 -7.52
N6 ATP S . 17.86 9.12 -6.61
N1 ATP S . 19.39 10.83 -7.22
C2 ATP S . 19.83 11.68 -8.15
N3 ATP S . 19.39 11.83 -9.39
C4 ATP S . 18.37 11.01 -9.71
C1 NAG T . 40.12 -6.69 -1.48
C2 NAG T . 40.83 -6.25 -2.76
C3 NAG T . 41.97 -7.22 -3.09
C4 NAG T . 42.90 -7.39 -1.90
C5 NAG T . 42.09 -7.82 -0.68
C6 NAG T . 42.94 -7.92 0.57
C7 NAG T . 40.15 -5.45 -4.98
C8 NAG T . 39.09 -5.48 -6.03
N2 NAG T . 39.90 -6.17 -3.87
O3 NAG T . 42.71 -6.73 -4.20
O4 NAG T . 43.87 -8.39 -2.19
O5 NAG T . 41.08 -6.85 -0.41
O6 NAG T . 43.71 -6.74 0.77
O7 NAG T . 41.18 -4.80 -5.11
C1 NAG U . 28.19 -25.43 -1.35
C2 NAG U . 29.19 -25.05 -2.44
C3 NAG U . 29.27 -26.16 -3.50
C4 NAG U . 29.52 -27.51 -2.85
C5 NAG U . 28.51 -27.78 -1.75
C6 NAG U . 28.78 -29.05 -0.98
C7 NAG U . 29.57 -22.68 -2.96
C8 NAG U . 29.04 -21.48 -3.65
N2 NAG U . 28.83 -23.79 -3.05
O3 NAG U . 30.30 -25.86 -4.43
O4 NAG U . 29.43 -28.55 -3.83
O5 NAG U . 28.54 -26.71 -0.80
O6 NAG U . 27.96 -29.13 0.17
O7 NAG U . 30.63 -22.66 -2.34
C1 NAG V . 31.67 -24.25 20.11
C2 NAG V . 32.97 -23.67 20.64
C3 NAG V . 32.71 -22.81 21.87
C4 NAG V . 31.65 -21.76 21.58
C5 NAG V . 30.40 -22.41 20.99
C6 NAG V . 29.36 -21.42 20.55
C7 NAG V . 35.00 -24.98 20.20
C8 NAG V . 35.87 -26.11 20.66
N2 NAG V . 33.93 -24.73 20.95
O3 NAG V . 33.91 -22.18 22.29
O4 NAG V . 31.29 -21.07 22.77
O5 NAG V . 30.75 -23.19 19.83
O6 NAG V . 29.84 -20.58 19.49
O7 NAG V . 35.26 -24.34 19.18
MG MG W . 20.23 6.44 -17.97
PG ATP X . -6.70 -19.47 -13.62
O1G ATP X . -7.06 -19.61 -15.08
O2G ATP X . -6.33 -20.80 -13.01
O3G ATP X . -5.58 -18.45 -13.44
PB ATP X . -8.49 -19.66 -11.47
O1B ATP X . -8.83 -21.07 -11.80
O2B ATP X . -7.49 -19.59 -10.35
O3B ATP X . -7.96 -18.89 -12.76
PA ATP X . -9.76 -17.30 -10.75
O1A ATP X . -10.26 -17.08 -9.36
O2A ATP X . -8.37 -16.80 -10.86
O3A ATP X . -9.82 -18.85 -11.09
O5' ATP X . -10.68 -16.50 -11.76
C5' ATP X . -11.96 -17.06 -12.12
C4' ATP X . -12.03 -17.14 -13.66
O4' ATP X . -11.60 -15.88 -14.25
C3' ATP X . -11.04 -18.23 -14.21
O3' ATP X . -11.71 -19.08 -15.13
C2' ATP X . -9.95 -17.43 -14.94
O2' ATP X . -9.55 -18.10 -16.13
C1' ATP X . -10.63 -16.11 -15.25
N9 ATP X . -9.64 -15.01 -15.24
C8 ATP X . -8.87 -14.66 -14.20
N7 ATP X . -8.05 -13.62 -14.46
C5 ATP X . -8.33 -13.32 -15.74
C6 ATP X . -7.86 -12.34 -16.68
N6 ATP X . -6.91 -11.45 -16.35
N1 ATP X . -8.41 -12.34 -17.96
C2 ATP X . -9.35 -13.22 -18.27
N3 ATP X . -9.86 -14.16 -17.49
C4 ATP X . -9.34 -14.19 -16.24
C1 NAG Y . 13.50 -17.51 -34.17
C2 NAG Y . 12.92 -18.89 -34.50
C3 NAG Y . 13.98 -19.77 -35.17
C4 NAG Y . 14.59 -19.06 -36.36
C5 NAG Y . 15.13 -17.69 -35.94
C6 NAG Y . 15.67 -16.88 -37.10
C7 NAG Y . 11.51 -20.54 -33.34
C8 NAG Y . 11.10 -21.11 -32.02
N2 NAG Y . 12.41 -19.54 -33.31
O3 NAG Y . 13.40 -20.99 -35.59
O4 NAG Y . 15.66 -19.83 -36.90
O5 NAG Y . 14.08 -16.93 -35.35
O6 NAG Y . 14.74 -16.82 -38.16
O7 NAG Y . 11.05 -20.96 -34.40
C1 NAG Z . 29.21 -15.65 -18.58
C2 NAG Z . 28.79 -16.97 -19.22
C3 NAG Z . 29.61 -18.13 -18.65
C4 NAG Z . 31.10 -17.84 -18.75
C5 NAG Z . 31.42 -16.49 -18.12
C6 NAG Z . 32.87 -16.07 -18.30
C7 NAG Z . 26.47 -17.24 -20.00
C8 NAG Z . 25.06 -17.50 -19.59
N2 NAG Z . 27.37 -17.21 -19.01
O3 NAG Z . 29.30 -19.33 -19.34
O4 NAG Z . 31.84 -18.85 -18.08
O5 NAG Z . 30.62 -15.47 -18.75
O6 NAG Z . 33.06 -14.72 -17.93
O7 NAG Z . 26.79 -17.07 -21.17
C1 NAG AA . 33.69 2.82 -29.19
C2 NAG AA . 33.50 2.89 -30.70
C3 NAG AA . 32.91 4.25 -31.10
C4 NAG AA . 31.65 4.53 -30.31
C5 NAG AA . 31.91 4.37 -28.81
C6 NAG AA . 30.65 4.51 -27.97
C7 NAG AA . 35.03 1.53 -32.05
C8 NAG AA . 36.38 1.46 -32.71
N2 NAG AA . 34.76 2.66 -31.40
O3 NAG AA . 32.63 4.26 -32.49
O4 NAG AA . 31.20 5.85 -30.56
O5 NAG AA . 32.44 3.07 -28.54
O6 NAG AA . 29.71 3.49 -28.28
O7 NAG AA . 34.22 0.60 -32.12
#